data_1FH1
# 
_entry.id   1FH1 
# 
_audit_conform.dict_name       mmcif_pdbx.dic 
_audit_conform.dict_version    5.392 
_audit_conform.dict_location   http://mmcif.pdb.org/dictionaries/ascii/mmcif_pdbx.dic 
# 
loop_
_database_2.database_id 
_database_2.database_code 
_database_2.pdbx_database_accession 
_database_2.pdbx_DOI 
PDB   1FH1         pdb_00001fh1 10.2210/pdb1fh1/pdb 
RCSB  RCSB011579   ?            ?                   
WWPDB D_1000011579 ?            ?                   
# 
loop_
_pdbx_audit_revision_history.ordinal 
_pdbx_audit_revision_history.data_content_type 
_pdbx_audit_revision_history.major_revision 
_pdbx_audit_revision_history.minor_revision 
_pdbx_audit_revision_history.revision_date 
1 'Structure model' 1 0 2001-01-17 
2 'Structure model' 1 1 2008-04-27 
3 'Structure model' 1 2 2011-07-13 
4 'Structure model' 1 3 2022-02-23 
5 'Structure model' 1 4 2024-05-22 
# 
_pdbx_audit_revision_details.ordinal             1 
_pdbx_audit_revision_details.revision_ordinal    1 
_pdbx_audit_revision_details.data_content_type   'Structure model' 
_pdbx_audit_revision_details.provider            repository 
_pdbx_audit_revision_details.type                'Initial release' 
_pdbx_audit_revision_details.description         ? 
_pdbx_audit_revision_details.details             ? 
# 
loop_
_pdbx_audit_revision_group.ordinal 
_pdbx_audit_revision_group.revision_ordinal 
_pdbx_audit_revision_group.data_content_type 
_pdbx_audit_revision_group.group 
1 2 'Structure model' 'Version format compliance' 
2 3 'Structure model' 'Version format compliance' 
3 4 'Structure model' 'Data collection'           
4 4 'Structure model' 'Database references'       
5 4 'Structure model' 'Derived calculations'      
6 5 'Structure model' 'Data collection'           
# 
loop_
_pdbx_audit_revision_category.ordinal 
_pdbx_audit_revision_category.revision_ordinal 
_pdbx_audit_revision_category.data_content_type 
_pdbx_audit_revision_category.category 
1 4 'Structure model' database_2            
2 4 'Structure model' pdbx_nmr_software     
3 4 'Structure model' pdbx_struct_assembly  
4 4 'Structure model' pdbx_struct_oper_list 
5 5 'Structure model' chem_comp_atom        
6 5 'Structure model' chem_comp_bond        
# 
loop_
_pdbx_audit_revision_item.ordinal 
_pdbx_audit_revision_item.revision_ordinal 
_pdbx_audit_revision_item.data_content_type 
_pdbx_audit_revision_item.item 
1 4 'Structure model' '_database_2.pdbx_DOI'                
2 4 'Structure model' '_database_2.pdbx_database_accession' 
3 4 'Structure model' '_pdbx_nmr_software.name'             
# 
_pdbx_database_status.status_code                     REL 
_pdbx_database_status.entry_id                        1FH1 
_pdbx_database_status.recvd_initial_deposition_date   2000-07-30 
_pdbx_database_status.deposit_site                    RCSB 
_pdbx_database_status.process_site                    RCSB 
_pdbx_database_status.SG_entry                        . 
_pdbx_database_status.pdb_format_compatible           Y 
_pdbx_database_status.status_code_mr                  ? 
_pdbx_database_status.status_code_sf                  ? 
_pdbx_database_status.status_code_cs                  ? 
_pdbx_database_status.status_code_nmr_data            ? 
_pdbx_database_status.methods_development_category    ? 
# 
loop_
_audit_author.name 
_audit_author.pdbx_ordinal 
'Fowler, C.A.'     1 
'Tian, F.'         2 
'Al-Hashimi, H.M.' 3 
'Prestegard, J.H.' 4 
# 
loop_
_citation.id 
_citation.title 
_citation.journal_abbrev 
_citation.journal_volume 
_citation.page_first 
_citation.page_last 
_citation.year 
_citation.journal_id_ASTM 
_citation.country 
_citation.journal_id_ISSN 
_citation.journal_id_CSD 
_citation.book_publisher 
_citation.pdbx_database_id_PubMed 
_citation.pdbx_database_id_DOI 
primary 'Rapid determination of protein folds using residual dipolar couplings.' J.Mol.Biol.  304 447 460 2000 JMOBAK UK 0022-2836 
0070 ? 11090286 10.1006/jmbi.2000.4199         
1       
;NMR Investigations of the Structural Properties of the Nodulation Protein, NodF, from Rhizobium Leguminosarum and its Homology with Eschericia Coli Acyl Carrier Protein
;
'FEBS Lett.' 388 66  72  1996 FEBLAL NE 0014-5793 0165 ? ?        '10.1016/0014-5793(96)00512-1' 
# 
loop_
_citation_author.citation_id 
_citation_author.name 
_citation_author.ordinal 
_citation_author.identifier_ORCID 
primary 'Fowler, C.A.'     1 ? 
primary 'Tian, F.'         2 ? 
primary 'Al-Hashimi, H.M.' 3 ? 
primary 'Prestegard, J.H.' 4 ? 
1       'Ghose, R.'        5 ? 
1       'Geiger, O.'       6 ? 
1       'Prestegard, J.H.' 7 ? 
# 
_entity.id                         1 
_entity.type                       polymer 
_entity.src_method                 man 
_entity.pdbx_description           'NODULATION PROTEIN F' 
_entity.formula_weight             9951.211 
_entity.pdbx_number_of_molecules   1 
_entity.pdbx_ec                    ? 
_entity.pdbx_mutation              ? 
_entity.pdbx_fragment              ? 
_entity.details                    ? 
# 
_entity_name_com.entity_id   1 
_entity_name_com.name        NODF 
# 
_entity_poly.entity_id                      1 
_entity_poly.type                           'polypeptide(L)' 
_entity_poly.nstd_linkage                   no 
_entity_poly.nstd_monomer                   no 
_entity_poly.pdbx_seq_one_letter_code       
;MADQLTLEIISAINKLVKAENGERTSVALGEITTDTELTSLGIDSLGLADVLWDLEQLYGIKIEMNTADAWSNLNNIGDV
VEAVRGLLTKEV
;
_entity_poly.pdbx_seq_one_letter_code_can   
;MADQLTLEIISAINKLVKAENGERTSVALGEITTDTELTSLGIDSLGLADVLWDLEQLYGIKIEMNTADAWSNLNNIGDV
VEAVRGLLTKEV
;
_entity_poly.pdbx_strand_id                 A 
_entity_poly.pdbx_target_identifier         ? 
# 
loop_
_entity_poly_seq.entity_id 
_entity_poly_seq.num 
_entity_poly_seq.mon_id 
_entity_poly_seq.hetero 
1 1  MET n 
1 2  ALA n 
1 3  ASP n 
1 4  GLN n 
1 5  LEU n 
1 6  THR n 
1 7  LEU n 
1 8  GLU n 
1 9  ILE n 
1 10 ILE n 
1 11 SER n 
1 12 ALA n 
1 13 ILE n 
1 14 ASN n 
1 15 LYS n 
1 16 LEU n 
1 17 VAL n 
1 18 LYS n 
1 19 ALA n 
1 20 GLU n 
1 21 ASN n 
1 22 GLY n 
1 23 GLU n 
1 24 ARG n 
1 25 THR n 
1 26 SER n 
1 27 VAL n 
1 28 ALA n 
1 29 LEU n 
1 30 GLY n 
1 31 GLU n 
1 32 ILE n 
1 33 THR n 
1 34 THR n 
1 35 ASP n 
1 36 THR n 
1 37 GLU n 
1 38 LEU n 
1 39 THR n 
1 40 SER n 
1 41 LEU n 
1 42 GLY n 
1 43 ILE n 
1 44 ASP n 
1 45 SER n 
1 46 LEU n 
1 47 GLY n 
1 48 LEU n 
1 49 ALA n 
1 50 ASP n 
1 51 VAL n 
1 52 LEU n 
1 53 TRP n 
1 54 ASP n 
1 55 LEU n 
1 56 GLU n 
1 57 GLN n 
1 58 LEU n 
1 59 TYR n 
1 60 GLY n 
1 61 ILE n 
1 62 LYS n 
1 63 ILE n 
1 64 GLU n 
1 65 MET n 
1 66 ASN n 
1 67 THR n 
1 68 ALA n 
1 69 ASP n 
1 70 ALA n 
1 71 TRP n 
1 72 SER n 
1 73 ASN n 
1 74 LEU n 
1 75 ASN n 
1 76 ASN n 
1 77 ILE n 
1 78 GLY n 
1 79 ASP n 
1 80 VAL n 
1 81 VAL n 
1 82 GLU n 
1 83 ALA n 
1 84 VAL n 
1 85 ARG n 
1 86 GLY n 
1 87 LEU n 
1 88 LEU n 
1 89 THR n 
1 90 LYS n 
1 91 GLU n 
1 92 VAL n 
# 
_entity_src_gen.entity_id                          1 
_entity_src_gen.pdbx_src_id                        1 
_entity_src_gen.pdbx_alt_source_flag               sample 
_entity_src_gen.pdbx_seq_type                      ? 
_entity_src_gen.pdbx_beg_seq_num                   ? 
_entity_src_gen.pdbx_end_seq_num                   ? 
_entity_src_gen.gene_src_common_name               ? 
_entity_src_gen.gene_src_genus                     Rhizobium 
_entity_src_gen.pdbx_gene_src_gene                 ? 
_entity_src_gen.gene_src_species                   ? 
_entity_src_gen.gene_src_strain                    ? 
_entity_src_gen.gene_src_tissue                    ? 
_entity_src_gen.gene_src_tissue_fraction           ? 
_entity_src_gen.gene_src_details                   ? 
_entity_src_gen.pdbx_gene_src_fragment             ? 
_entity_src_gen.pdbx_gene_src_scientific_name      'Rhizobium leguminosarum' 
_entity_src_gen.pdbx_gene_src_ncbi_taxonomy_id     384 
_entity_src_gen.pdbx_gene_src_variant              ? 
_entity_src_gen.pdbx_gene_src_cell_line            ? 
_entity_src_gen.pdbx_gene_src_atcc                 ? 
_entity_src_gen.pdbx_gene_src_organ                ? 
_entity_src_gen.pdbx_gene_src_organelle            ? 
_entity_src_gen.pdbx_gene_src_cell                 ? 
_entity_src_gen.pdbx_gene_src_cellular_location    ? 
_entity_src_gen.host_org_common_name               ? 
_entity_src_gen.pdbx_host_org_scientific_name      'Escherichia coli BL21(DE3)' 
_entity_src_gen.pdbx_host_org_ncbi_taxonomy_id     469008 
_entity_src_gen.host_org_genus                     Escherichia 
_entity_src_gen.pdbx_host_org_gene                 ? 
_entity_src_gen.pdbx_host_org_organ                ? 
_entity_src_gen.host_org_species                   'Escherichia coli' 
_entity_src_gen.pdbx_host_org_tissue               ? 
_entity_src_gen.pdbx_host_org_tissue_fraction      ? 
_entity_src_gen.pdbx_host_org_strain               'BL21(DE3)' 
_entity_src_gen.pdbx_host_org_variant              ? 
_entity_src_gen.pdbx_host_org_cell_line            ? 
_entity_src_gen.pdbx_host_org_atcc                 ? 
_entity_src_gen.pdbx_host_org_culture_collection   ? 
_entity_src_gen.pdbx_host_org_cell                 ? 
_entity_src_gen.pdbx_host_org_organelle            ? 
_entity_src_gen.pdbx_host_org_cellular_location    ? 
_entity_src_gen.pdbx_host_org_vector_type          ? 
_entity_src_gen.pdbx_host_org_vector               ? 
_entity_src_gen.host_org_details                   ? 
_entity_src_gen.expression_system_id               ? 
_entity_src_gen.plasmid_name                       PMP2301 
_entity_src_gen.plasmid_details                    ? 
_entity_src_gen.pdbx_description                   ? 
# 
loop_
_chem_comp.id 
_chem_comp.type 
_chem_comp.mon_nstd_flag 
_chem_comp.name 
_chem_comp.pdbx_synonyms 
_chem_comp.formula 
_chem_comp.formula_weight 
ALA 'L-peptide linking' y ALANINE         ? 'C3 H7 N O2'     89.093  
ARG 'L-peptide linking' y ARGININE        ? 'C6 H15 N4 O2 1' 175.209 
ASN 'L-peptide linking' y ASPARAGINE      ? 'C4 H8 N2 O3'    132.118 
ASP 'L-peptide linking' y 'ASPARTIC ACID' ? 'C4 H7 N O4'     133.103 
GLN 'L-peptide linking' y GLUTAMINE       ? 'C5 H10 N2 O3'   146.144 
GLU 'L-peptide linking' y 'GLUTAMIC ACID' ? 'C5 H9 N O4'     147.129 
GLY 'peptide linking'   y GLYCINE         ? 'C2 H5 N O2'     75.067  
ILE 'L-peptide linking' y ISOLEUCINE      ? 'C6 H13 N O2'    131.173 
LEU 'L-peptide linking' y LEUCINE         ? 'C6 H13 N O2'    131.173 
LYS 'L-peptide linking' y LYSINE          ? 'C6 H15 N2 O2 1' 147.195 
MET 'L-peptide linking' y METHIONINE      ? 'C5 H11 N O2 S'  149.211 
SER 'L-peptide linking' y SERINE          ? 'C3 H7 N O3'     105.093 
THR 'L-peptide linking' y THREONINE       ? 'C4 H9 N O3'     119.119 
TRP 'L-peptide linking' y TRYPTOPHAN      ? 'C11 H12 N2 O2'  204.225 
TYR 'L-peptide linking' y TYROSINE        ? 'C9 H11 N O3'    181.189 
VAL 'L-peptide linking' y VALINE          ? 'C5 H11 N O2'    117.146 
# 
loop_
_pdbx_poly_seq_scheme.asym_id 
_pdbx_poly_seq_scheme.entity_id 
_pdbx_poly_seq_scheme.seq_id 
_pdbx_poly_seq_scheme.mon_id 
_pdbx_poly_seq_scheme.ndb_seq_num 
_pdbx_poly_seq_scheme.pdb_seq_num 
_pdbx_poly_seq_scheme.auth_seq_num 
_pdbx_poly_seq_scheme.pdb_mon_id 
_pdbx_poly_seq_scheme.auth_mon_id 
_pdbx_poly_seq_scheme.pdb_strand_id 
_pdbx_poly_seq_scheme.pdb_ins_code 
_pdbx_poly_seq_scheme.hetero 
A 1 1  MET 1  1  ?  ?   ?   A . n 
A 1 2  ALA 2  2  ?  ?   ?   A . n 
A 1 3  ASP 3  3  ?  ?   ?   A . n 
A 1 4  GLN 4  4  ?  ?   ?   A . n 
A 1 5  LEU 5  5  5  LEU LEU A . n 
A 1 6  THR 6  6  6  THR THR A . n 
A 1 7  LEU 7  7  7  LEU LEU A . n 
A 1 8  GLU 8  8  8  GLU GLU A . n 
A 1 9  ILE 9  9  9  ILE ILE A . n 
A 1 10 ILE 10 10 10 ILE ILE A . n 
A 1 11 SER 11 11 11 SER SER A . n 
A 1 12 ALA 12 12 12 ALA ALA A . n 
A 1 13 ILE 13 13 13 ILE ILE A . n 
A 1 14 ASN 14 14 14 ASN ASN A . n 
A 1 15 LYS 15 15 15 LYS LYS A . n 
A 1 16 LEU 16 16 16 LEU LEU A . n 
A 1 17 VAL 17 17 17 VAL VAL A . n 
A 1 18 LYS 18 18 ?  ?   ?   A . n 
A 1 19 ALA 19 19 ?  ?   ?   A . n 
A 1 20 GLU 20 20 ?  ?   ?   A . n 
A 1 21 ASN 21 21 ?  ?   ?   A . n 
A 1 22 GLY 22 22 ?  ?   ?   A . n 
A 1 23 GLU 23 23 ?  ?   ?   A . n 
A 1 24 ARG 24 24 ?  ?   ?   A . n 
A 1 25 THR 25 25 ?  ?   ?   A . n 
A 1 26 SER 26 26 ?  ?   ?   A . n 
A 1 27 VAL 27 27 ?  ?   ?   A . n 
A 1 28 ALA 28 28 ?  ?   ?   A . n 
A 1 29 LEU 29 29 ?  ?   ?   A . n 
A 1 30 GLY 30 30 ?  ?   ?   A . n 
A 1 31 GLU 31 31 ?  ?   ?   A . n 
A 1 32 ILE 32 32 ?  ?   ?   A . n 
A 1 33 THR 33 33 ?  ?   ?   A . n 
A 1 34 THR 34 34 ?  ?   ?   A . n 
A 1 35 ASP 35 35 ?  ?   ?   A . n 
A 1 36 THR 36 36 ?  ?   ?   A . n 
A 1 37 GLU 37 37 ?  ?   ?   A . n 
A 1 38 LEU 38 38 ?  ?   ?   A . n 
A 1 39 THR 39 39 ?  ?   ?   A . n 
A 1 40 SER 40 40 ?  ?   ?   A . n 
A 1 41 LEU 41 41 ?  ?   ?   A . n 
A 1 42 GLY 42 42 ?  ?   ?   A . n 
A 1 43 ILE 43 43 ?  ?   ?   A . n 
A 1 44 ASP 44 44 ?  ?   ?   A . n 
A 1 45 SER 45 45 ?  ?   ?   A . n 
A 1 46 LEU 46 46 46 LEU LEU A . n 
A 1 47 GLY 47 47 47 GLY GLY A . n 
A 1 48 LEU 48 48 48 LEU LEU A . n 
A 1 49 ALA 49 49 49 ALA ALA A . n 
A 1 50 ASP 50 50 50 ASP ASP A . n 
A 1 51 VAL 51 51 51 VAL VAL A . n 
A 1 52 LEU 52 52 52 LEU LEU A . n 
A 1 53 TRP 53 53 53 TRP TRP A . n 
A 1 54 ASP 54 54 54 ASP ASP A . n 
A 1 55 LEU 55 55 55 LEU LEU A . n 
A 1 56 GLU 56 56 56 GLU GLU A . n 
A 1 57 GLN 57 57 57 GLN GLN A . n 
A 1 58 LEU 58 58 58 LEU LEU A . n 
A 1 59 TYR 59 59 ?  ?   ?   A . n 
A 1 60 GLY 60 60 ?  ?   ?   A . n 
A 1 61 ILE 61 61 ?  ?   ?   A . n 
A 1 62 LYS 62 62 ?  ?   ?   A . n 
A 1 63 ILE 63 63 ?  ?   ?   A . n 
A 1 64 GLU 64 64 ?  ?   ?   A . n 
A 1 65 MET 65 65 ?  ?   ?   A . n 
A 1 66 ASN 66 66 ?  ?   ?   A . n 
A 1 67 THR 67 67 ?  ?   ?   A . n 
A 1 68 ALA 68 68 ?  ?   ?   A . n 
A 1 69 ASP 69 69 ?  ?   ?   A . n 
A 1 70 ALA 70 70 ?  ?   ?   A . n 
A 1 71 TRP 71 71 ?  ?   ?   A . n 
A 1 72 SER 72 72 ?  ?   ?   A . n 
A 1 73 ASN 73 73 ?  ?   ?   A . n 
A 1 74 LEU 74 74 ?  ?   ?   A . n 
A 1 75 ASN 75 75 ?  ?   ?   A . n 
A 1 76 ASN 76 76 76 ASN ASN A . n 
A 1 77 ILE 77 77 77 ILE ILE A . n 
A 1 78 GLY 78 78 78 GLY GLY A . n 
A 1 79 ASP 79 79 79 ASP ASP A . n 
A 1 80 VAL 80 80 80 VAL VAL A . n 
A 1 81 VAL 81 81 81 VAL VAL A . n 
A 1 82 GLU 82 82 82 GLU GLU A . n 
A 1 83 ALA 83 83 83 ALA ALA A . n 
A 1 84 VAL 84 84 84 VAL VAL A . n 
A 1 85 ARG 85 85 85 ARG ARG A . n 
A 1 86 GLY 86 86 86 GLY GLY A . n 
A 1 87 LEU 87 87 ?  ?   ?   A . n 
A 1 88 LEU 88 88 ?  ?   ?   A . n 
A 1 89 THR 89 89 ?  ?   ?   A . n 
A 1 90 LYS 90 90 ?  ?   ?   A . n 
A 1 91 GLU 91 91 ?  ?   ?   A . n 
A 1 92 VAL 92 92 ?  ?   ?   A . n 
# 
loop_
_pdbx_unobs_or_zero_occ_atoms.id 
_pdbx_unobs_or_zero_occ_atoms.PDB_model_num 
_pdbx_unobs_or_zero_occ_atoms.polymer_flag 
_pdbx_unobs_or_zero_occ_atoms.occupancy_flag 
_pdbx_unobs_or_zero_occ_atoms.auth_asym_id 
_pdbx_unobs_or_zero_occ_atoms.auth_comp_id 
_pdbx_unobs_or_zero_occ_atoms.auth_seq_id 
_pdbx_unobs_or_zero_occ_atoms.PDB_ins_code 
_pdbx_unobs_or_zero_occ_atoms.auth_atom_id 
_pdbx_unobs_or_zero_occ_atoms.label_alt_id 
_pdbx_unobs_or_zero_occ_atoms.label_asym_id 
_pdbx_unobs_or_zero_occ_atoms.label_comp_id 
_pdbx_unobs_or_zero_occ_atoms.label_seq_id 
_pdbx_unobs_or_zero_occ_atoms.label_atom_id 
1  1 Y 1 A LEU 5  ? CG  ? A LEU 5  CG  
2  1 Y 1 A LEU 5  ? CD1 ? A LEU 5  CD1 
3  1 Y 1 A LEU 5  ? CD2 ? A LEU 5  CD2 
4  1 Y 1 A THR 6  ? OG1 ? A THR 6  OG1 
5  1 Y 1 A THR 6  ? CG2 ? A THR 6  CG2 
6  1 Y 1 A LEU 7  ? CG  ? A LEU 7  CG  
7  1 Y 1 A LEU 7  ? CD1 ? A LEU 7  CD1 
8  1 Y 1 A LEU 7  ? CD2 ? A LEU 7  CD2 
9  1 Y 1 A GLU 8  ? CG  ? A GLU 8  CG  
10 1 Y 1 A GLU 8  ? CD  ? A GLU 8  CD  
11 1 Y 1 A GLU 8  ? OE1 ? A GLU 8  OE1 
12 1 Y 1 A GLU 8  ? OE2 ? A GLU 8  OE2 
13 1 Y 1 A ILE 9  ? CG1 ? A ILE 9  CG1 
14 1 Y 1 A ILE 9  ? CG2 ? A ILE 9  CG2 
15 1 Y 1 A ILE 9  ? CD1 ? A ILE 9  CD1 
16 1 Y 1 A ILE 10 ? CG1 ? A ILE 10 CG1 
17 1 Y 1 A ILE 10 ? CG2 ? A ILE 10 CG2 
18 1 Y 1 A ILE 10 ? CD1 ? A ILE 10 CD1 
19 1 Y 1 A SER 11 ? OG  ? A SER 11 OG  
20 1 Y 1 A ILE 13 ? CG1 ? A ILE 13 CG1 
21 1 Y 1 A ILE 13 ? CG2 ? A ILE 13 CG2 
22 1 Y 1 A ILE 13 ? CD1 ? A ILE 13 CD1 
23 1 Y 1 A ASN 14 ? CG  ? A ASN 14 CG  
24 1 Y 1 A ASN 14 ? OD1 ? A ASN 14 OD1 
25 1 Y 1 A ASN 14 ? ND2 ? A ASN 14 ND2 
26 1 Y 1 A LYS 15 ? CG  ? A LYS 15 CG  
27 1 Y 1 A LYS 15 ? CD  ? A LYS 15 CD  
28 1 Y 1 A LYS 15 ? CE  ? A LYS 15 CE  
29 1 Y 1 A LYS 15 ? NZ  ? A LYS 15 NZ  
30 1 Y 1 A LEU 16 ? CG  ? A LEU 16 CG  
31 1 Y 1 A LEU 16 ? CD1 ? A LEU 16 CD1 
32 1 Y 1 A LEU 16 ? CD2 ? A LEU 16 CD2 
33 1 Y 1 A VAL 17 ? CG1 ? A VAL 17 CG1 
34 1 Y 1 A VAL 17 ? CG2 ? A VAL 17 CG2 
35 1 Y 1 A LEU 46 ? CG  ? A LEU 46 CG  
36 1 Y 1 A LEU 46 ? CD1 ? A LEU 46 CD1 
37 1 Y 1 A LEU 46 ? CD2 ? A LEU 46 CD2 
38 1 Y 1 A LEU 48 ? CG  ? A LEU 48 CG  
39 1 Y 1 A LEU 48 ? CD1 ? A LEU 48 CD1 
40 1 Y 1 A LEU 48 ? CD2 ? A LEU 48 CD2 
41 1 Y 1 A ASP 50 ? CG  ? A ASP 50 CG  
42 1 Y 1 A ASP 50 ? OD1 ? A ASP 50 OD1 
43 1 Y 1 A ASP 50 ? OD2 ? A ASP 50 OD2 
44 1 Y 1 A VAL 51 ? CG1 ? A VAL 51 CG1 
45 1 Y 1 A VAL 51 ? CG2 ? A VAL 51 CG2 
46 1 Y 1 A LEU 52 ? CG  ? A LEU 52 CG  
47 1 Y 1 A LEU 52 ? CD1 ? A LEU 52 CD1 
48 1 Y 1 A LEU 52 ? CD2 ? A LEU 52 CD2 
49 1 Y 1 A TRP 53 ? CG  ? A TRP 53 CG  
50 1 Y 1 A TRP 53 ? CD1 ? A TRP 53 CD1 
51 1 Y 1 A TRP 53 ? CD2 ? A TRP 53 CD2 
52 1 Y 1 A TRP 53 ? NE1 ? A TRP 53 NE1 
53 1 Y 1 A TRP 53 ? CE2 ? A TRP 53 CE2 
54 1 Y 1 A TRP 53 ? CE3 ? A TRP 53 CE3 
55 1 Y 1 A TRP 53 ? CZ2 ? A TRP 53 CZ2 
56 1 Y 1 A TRP 53 ? CZ3 ? A TRP 53 CZ3 
57 1 Y 1 A TRP 53 ? CH2 ? A TRP 53 CH2 
58 1 Y 1 A ASP 54 ? CG  ? A ASP 54 CG  
59 1 Y 1 A ASP 54 ? OD1 ? A ASP 54 OD1 
60 1 Y 1 A ASP 54 ? OD2 ? A ASP 54 OD2 
61 1 Y 1 A LEU 55 ? CG  ? A LEU 55 CG  
62 1 Y 1 A LEU 55 ? CD1 ? A LEU 55 CD1 
63 1 Y 1 A LEU 55 ? CD2 ? A LEU 55 CD2 
64 1 Y 1 A GLU 56 ? CG  ? A GLU 56 CG  
65 1 Y 1 A GLU 56 ? CD  ? A GLU 56 CD  
66 1 Y 1 A GLU 56 ? OE1 ? A GLU 56 OE1 
67 1 Y 1 A GLU 56 ? OE2 ? A GLU 56 OE2 
68 1 Y 1 A GLN 57 ? CG  ? A GLN 57 CG  
69 1 Y 1 A GLN 57 ? CD  ? A GLN 57 CD  
70 1 Y 1 A GLN 57 ? OE1 ? A GLN 57 OE1 
71 1 Y 1 A GLN 57 ? NE2 ? A GLN 57 NE2 
72 1 Y 1 A LEU 58 ? CG  ? A LEU 58 CG  
73 1 Y 1 A LEU 58 ? CD1 ? A LEU 58 CD1 
74 1 Y 1 A LEU 58 ? CD2 ? A LEU 58 CD2 
75 1 Y 1 A ASN 76 ? CG  ? A ASN 76 CG  
76 1 Y 1 A ASN 76 ? OD1 ? A ASN 76 OD1 
77 1 Y 1 A ASN 76 ? ND2 ? A ASN 76 ND2 
78 1 Y 1 A ILE 77 ? CG1 ? A ILE 77 CG1 
79 1 Y 1 A ILE 77 ? CG2 ? A ILE 77 CG2 
80 1 Y 1 A ILE 77 ? CD1 ? A ILE 77 CD1 
81 1 Y 1 A ASP 79 ? CG  ? A ASP 79 CG  
82 1 Y 1 A ASP 79 ? OD1 ? A ASP 79 OD1 
83 1 Y 1 A ASP 79 ? OD2 ? A ASP 79 OD2 
84 1 Y 1 A VAL 80 ? CG1 ? A VAL 80 CG1 
85 1 Y 1 A VAL 80 ? CG2 ? A VAL 80 CG2 
86 1 Y 1 A VAL 81 ? CG1 ? A VAL 81 CG1 
87 1 Y 1 A VAL 81 ? CG2 ? A VAL 81 CG2 
88 1 Y 1 A GLU 82 ? CG  ? A GLU 82 CG  
89 1 Y 1 A GLU 82 ? CD  ? A GLU 82 CD  
90 1 Y 1 A GLU 82 ? OE1 ? A GLU 82 OE1 
91 1 Y 1 A GLU 82 ? OE2 ? A GLU 82 OE2 
92 1 Y 1 A VAL 84 ? CG1 ? A VAL 84 CG1 
93 1 Y 1 A VAL 84 ? CG2 ? A VAL 84 CG2 
94 1 Y 1 A ARG 85 ? CG  ? A ARG 85 CG  
95 1 Y 1 A ARG 85 ? CD  ? A ARG 85 CD  
96 1 Y 1 A ARG 85 ? NE  ? A ARG 85 NE  
97 1 Y 1 A ARG 85 ? CZ  ? A ARG 85 CZ  
98 1 Y 1 A ARG 85 ? NH1 ? A ARG 85 NH1 
99 1 Y 1 A ARG 85 ? NH2 ? A ARG 85 NH2 
# 
_cell.entry_id           1FH1 
_cell.length_a           1.000 
_cell.length_b           1.000 
_cell.length_c           1.000 
_cell.angle_alpha        90.00 
_cell.angle_beta         90.00 
_cell.angle_gamma        90.00 
_cell.Z_PDB              1 
_cell.pdbx_unique_axis   ? 
# 
_symmetry.entry_id                         1FH1 
_symmetry.space_group_name_H-M             'P 1' 
_symmetry.pdbx_full_space_group_name_H-M   ? 
_symmetry.cell_setting                     ? 
_symmetry.Int_Tables_number                1 
# 
_exptl.entry_id          1FH1 
_exptl.method            'SOLUTION NMR' 
_exptl.crystals_number   ? 
# 
_struct.entry_id                  1FH1 
_struct.title                     'BACKBONE FOLD OF NODF' 
_struct.pdbx_model_details        ? 
_struct.pdbx_CASP_flag            ? 
_struct.pdbx_model_type_details   ? 
# 
_struct_keywords.entry_id        1FH1 
_struct_keywords.pdbx_keywords   'LIPID BINDING PROTEIN' 
_struct_keywords.text            'ROOT NODULATION FACTOR, PROTEIN BACKBONE FOLD, LIPID BINDING PROTEIN' 
# 
_struct_asym.id                            A 
_struct_asym.pdbx_blank_PDB_chainid_flag   N 
_struct_asym.pdbx_modified                 N 
_struct_asym.entity_id                     1 
_struct_asym.details                       ? 
# 
_struct_ref.id                         1 
_struct_ref.db_code                    NODF_RHILV 
_struct_ref.db_name                    UNP 
_struct_ref.entity_id                  1 
_struct_ref.pdbx_db_accession          P04685 
_struct_ref.pdbx_align_begin           1 
_struct_ref.pdbx_seq_one_letter_code   
;MADQLTLEIISAINKLVKAENGERTSVALGEITTDTELTSLGIDSLGLADVLWDLEQLYGIKIEMNTADAWSNLNNIGDV
VEAVRGLLTKEV
;
_struct_ref.pdbx_db_isoform            ? 
# 
_struct_ref_seq.align_id                      1 
_struct_ref_seq.ref_id                        1 
_struct_ref_seq.pdbx_PDB_id_code              1FH1 
_struct_ref_seq.pdbx_strand_id                A 
_struct_ref_seq.seq_align_beg                 1 
_struct_ref_seq.pdbx_seq_align_beg_ins_code   ? 
_struct_ref_seq.seq_align_end                 92 
_struct_ref_seq.pdbx_seq_align_end_ins_code   ? 
_struct_ref_seq.pdbx_db_accession             P04685 
_struct_ref_seq.db_align_beg                  1 
_struct_ref_seq.pdbx_db_align_beg_ins_code    ? 
_struct_ref_seq.db_align_end                  92 
_struct_ref_seq.pdbx_db_align_end_ins_code    ? 
_struct_ref_seq.pdbx_auth_seq_align_beg       1 
_struct_ref_seq.pdbx_auth_seq_align_end       92 
# 
_pdbx_struct_assembly.id                   1 
_pdbx_struct_assembly.details              author_defined_assembly 
_pdbx_struct_assembly.method_details       ? 
_pdbx_struct_assembly.oligomeric_details   monomeric 
_pdbx_struct_assembly.oligomeric_count     1 
# 
_pdbx_struct_assembly_gen.assembly_id       1 
_pdbx_struct_assembly_gen.oper_expression   1 
_pdbx_struct_assembly_gen.asym_id_list      A 
# 
_pdbx_struct_oper_list.id                   1 
_pdbx_struct_oper_list.type                 'identity operation' 
_pdbx_struct_oper_list.name                 1_555 
_pdbx_struct_oper_list.symmetry_operation   x,y,z 
_pdbx_struct_oper_list.matrix[1][1]         1.0000000000 
_pdbx_struct_oper_list.matrix[1][2]         0.0000000000 
_pdbx_struct_oper_list.matrix[1][3]         0.0000000000 
_pdbx_struct_oper_list.vector[1]            0.0000000000 
_pdbx_struct_oper_list.matrix[2][1]         0.0000000000 
_pdbx_struct_oper_list.matrix[2][2]         1.0000000000 
_pdbx_struct_oper_list.matrix[2][3]         0.0000000000 
_pdbx_struct_oper_list.vector[2]            0.0000000000 
_pdbx_struct_oper_list.matrix[3][1]         0.0000000000 
_pdbx_struct_oper_list.matrix[3][2]         0.0000000000 
_pdbx_struct_oper_list.matrix[3][3]         1.0000000000 
_pdbx_struct_oper_list.vector[3]            0.0000000000 
# 
_struct_biol.id   1 
# 
loop_
_struct_conf.conf_type_id 
_struct_conf.id 
_struct_conf.pdbx_PDB_helix_id 
_struct_conf.beg_label_comp_id 
_struct_conf.beg_label_asym_id 
_struct_conf.beg_label_seq_id 
_struct_conf.pdbx_beg_PDB_ins_code 
_struct_conf.end_label_comp_id 
_struct_conf.end_label_asym_id 
_struct_conf.end_label_seq_id 
_struct_conf.pdbx_end_PDB_ins_code 
_struct_conf.beg_auth_comp_id 
_struct_conf.beg_auth_asym_id 
_struct_conf.beg_auth_seq_id 
_struct_conf.end_auth_comp_id 
_struct_conf.end_auth_asym_id 
_struct_conf.end_auth_seq_id 
_struct_conf.pdbx_PDB_helix_class 
_struct_conf.details 
_struct_conf.pdbx_PDB_helix_length 
HELX_P HELX_P1 1 LEU A 5  ? VAL A 17 ? LEU A 5  VAL A 17 1 ? 13 
HELX_P HELX_P2 2 ASP A 50 ? LEU A 58 ? ASP A 50 LEU A 58 1 ? 9  
HELX_P HELX_P3 3 VAL A 81 ? GLY A 86 ? VAL A 81 GLY A 86 1 ? 6  
# 
_struct_conf_type.id          HELX_P 
_struct_conf_type.criteria    ? 
_struct_conf_type.reference   ? 
# 
loop_
_pdbx_validate_close_contact.id 
_pdbx_validate_close_contact.PDB_model_num 
_pdbx_validate_close_contact.auth_atom_id_1 
_pdbx_validate_close_contact.auth_asym_id_1 
_pdbx_validate_close_contact.auth_comp_id_1 
_pdbx_validate_close_contact.auth_seq_id_1 
_pdbx_validate_close_contact.PDB_ins_code_1 
_pdbx_validate_close_contact.label_alt_id_1 
_pdbx_validate_close_contact.auth_atom_id_2 
_pdbx_validate_close_contact.auth_asym_id_2 
_pdbx_validate_close_contact.auth_comp_id_2 
_pdbx_validate_close_contact.auth_seq_id_2 
_pdbx_validate_close_contact.PDB_ins_code_2 
_pdbx_validate_close_contact.label_alt_id_2 
_pdbx_validate_close_contact.dist 
1 1 O A LEU 7  ? ? CB A ILE 10 ? ? 1.11 
2 1 O A LEU 52 ? ? H  A GLU 56 ? ? 1.34 
3 1 O A VAL 81 ? ? H  A VAL 84 ? ? 1.35 
4 1 O A GLU 8  ? ? H  A SER 11 ? ? 1.45 
5 1 O A VAL 81 ? ? N  A ALA 83 ? ? 1.74 
6 1 O A GLU 8  ? ? N  A SER 11 ? ? 1.88 
7 1 O A LEU 7  ? ? CA A ILE 10 ? ? 1.95 
8 1 C A GLU 8  ? ? N  A ILE 10 ? ? 2.05 
9 1 O A LEU 7  ? ? N  A ILE 10 ? ? 2.13 
# 
loop_
_pdbx_validate_rmsd_angle.id 
_pdbx_validate_rmsd_angle.PDB_model_num 
_pdbx_validate_rmsd_angle.auth_atom_id_1 
_pdbx_validate_rmsd_angle.auth_asym_id_1 
_pdbx_validate_rmsd_angle.auth_comp_id_1 
_pdbx_validate_rmsd_angle.auth_seq_id_1 
_pdbx_validate_rmsd_angle.PDB_ins_code_1 
_pdbx_validate_rmsd_angle.label_alt_id_1 
_pdbx_validate_rmsd_angle.auth_atom_id_2 
_pdbx_validate_rmsd_angle.auth_asym_id_2 
_pdbx_validate_rmsd_angle.auth_comp_id_2 
_pdbx_validate_rmsd_angle.auth_seq_id_2 
_pdbx_validate_rmsd_angle.PDB_ins_code_2 
_pdbx_validate_rmsd_angle.label_alt_id_2 
_pdbx_validate_rmsd_angle.auth_atom_id_3 
_pdbx_validate_rmsd_angle.auth_asym_id_3 
_pdbx_validate_rmsd_angle.auth_comp_id_3 
_pdbx_validate_rmsd_angle.auth_seq_id_3 
_pdbx_validate_rmsd_angle.PDB_ins_code_3 
_pdbx_validate_rmsd_angle.label_alt_id_3 
_pdbx_validate_rmsd_angle.angle_value 
_pdbx_validate_rmsd_angle.angle_target_value 
_pdbx_validate_rmsd_angle.angle_deviation 
_pdbx_validate_rmsd_angle.angle_standard_deviation 
_pdbx_validate_rmsd_angle.linker_flag 
1 1 N A ILE 9  ? ? CA A ILE 9  ? ? C  A ILE 9  ? ? 85.14  111.00 -25.86 2.70 N 
2 1 N A ILE 13 ? ? CA A ILE 13 ? ? CB A ILE 13 ? ? 87.79  110.80 -23.01 2.30 N 
3 1 N A ILE 13 ? ? CA A ILE 13 ? ? C  A ILE 13 ? ? 154.89 111.00 43.89  2.70 N 
4 1 N A ASP 50 ? ? CA A ASP 50 ? ? C  A ASP 50 ? ? 140.38 111.00 29.38  2.70 N 
5 1 N A TRP 53 ? ? CA A TRP 53 ? ? CB A TRP 53 ? ? 130.75 110.60 20.15  1.80 N 
6 1 N A VAL 80 ? ? CA A VAL 80 ? ? CB A VAL 80 ? ? 59.48  111.50 -52.02 2.20 N 
7 1 N A VAL 80 ? ? CA A VAL 80 ? ? C  A VAL 80 ? ? 154.47 111.00 43.47  2.70 N 
8 1 N A GLU 82 ? ? CA A GLU 82 ? ? CB A GLU 82 ? ? 91.48  110.60 -19.12 1.80 N 
# 
loop_
_pdbx_validate_torsion.id 
_pdbx_validate_torsion.PDB_model_num 
_pdbx_validate_torsion.auth_comp_id 
_pdbx_validate_torsion.auth_asym_id 
_pdbx_validate_torsion.auth_seq_id 
_pdbx_validate_torsion.PDB_ins_code 
_pdbx_validate_torsion.label_alt_id 
_pdbx_validate_torsion.phi 
_pdbx_validate_torsion.psi 
1 1 ASP A 50 ? ? -99.36 -89.30 
2 1 TRP A 53 ? ? -44.84 -80.70 
3 1 VAL A 80 ? ? 145.50 7.41   
4 1 GLU A 82 ? ? -22.06 -24.02 
# 
_pdbx_validate_chiral.id              1 
_pdbx_validate_chiral.PDB_model_num   1 
_pdbx_validate_chiral.auth_atom_id    CA 
_pdbx_validate_chiral.label_alt_id    ? 
_pdbx_validate_chiral.auth_asym_id    A 
_pdbx_validate_chiral.auth_comp_id    ASP 
_pdbx_validate_chiral.auth_seq_id     50 
_pdbx_validate_chiral.PDB_ins_code    ? 
_pdbx_validate_chiral.details         PLANAR 
_pdbx_validate_chiral.omega           . 
# 
_pdbx_nmr_ensemble.entry_id                             1FH1 
_pdbx_nmr_ensemble.conformers_calculated_total_number   ? 
_pdbx_nmr_ensemble.conformers_submitted_total_number    1 
_pdbx_nmr_ensemble.conformer_selection_criteria         ? 
# 
loop_
_pdbx_nmr_sample_details.solution_id 
_pdbx_nmr_sample_details.contents 
_pdbx_nmr_sample_details.solvent_system 
1 '2.5 mM NodF isotropic U-15N,13C 200 mM phosphate buffer, pH 6.1'                          '90% H2O/10% D2O' 
2 '1.0 mM NodF aligned U-15N,13C 200 mM phosphate buffer, pH 6.1 20 mg/mL Pf1 bacteriophage' '90% H2O/10% D2O' 
# 
loop_
_pdbx_nmr_exptl_sample_conditions.conditions_id 
_pdbx_nmr_exptl_sample_conditions.temperature 
_pdbx_nmr_exptl_sample_conditions.pressure 
_pdbx_nmr_exptl_sample_conditions.pH 
_pdbx_nmr_exptl_sample_conditions.ionic_strength 
_pdbx_nmr_exptl_sample_conditions.pressure_units 
_pdbx_nmr_exptl_sample_conditions.temperature_units 
1 298 ambient 6.1 0 ? K 
2 298 ambient 6.1 0 ? K 
# 
_pdbx_nmr_details.entry_id   1FH1 
_pdbx_nmr_details.text       
;Assignments were made using double and triple-resonance NMR spectroscopy. Dipolar couplings were measured and used to produce the protein backbone fold.
;
# 
_pdbx_nmr_refine.entry_id           1FH1 
_pdbx_nmr_refine.method             other 
_pdbx_nmr_refine.details            
;secondary structural elements (3 helices) were identified. these were split into smaller fragments and individual fragments were oriented using residual dipolar coupling data and the program Orderten_SVD (Losonczi, et al., J. Magn. Res., 138, 334-342, 1999). The fragments were reassembled and then positioned spatially by translation using a limited set of NOEs to produce a backbone fold of the nodF protein. THERE ARE N-CA-C ANGLE ERRORS (AS COMPARED TO THE STANDARD DICTIONARY) AT RESIDUES 13 AND 80. RESIDUE 80 LIES SOMEWHAT OUTSIDE ALLOWED RAMACHANDRAN SPACE. THESE SITES ARE POSITIONS WHERE ORIENTED HELICAL FRAGMENTS WERE REASSEMBLED INTO COMPLETE HELICES DURING DETERMINATION OF OF THE BACKBONE FOLD AND ANY SMALLER LOCAL DISTORTIONS FROM IDEALITY ARE EXPECTED TO CONCENTRATE HERE. THE STRUCTURE PRESENTED HERE CONTAINS ONLY COORDINATES FOR BACKBONE ATOMS INVOLVED IN SECONDARY STRUCTURE. THE STRUCTURE IS THE AVERAGE OF AN ENSEMBLE WITH A HEAVY ATOM RMSD OF 2.4 ANGSTROMS. CB POSITIONS COME FROM POLYALANINE HELICES USED TO MODEL THE BACKBONE.
;
_pdbx_nmr_refine.software_ordinal   1 
# 
loop_
_pdbx_nmr_software.name 
_pdbx_nmr_software.version 
_pdbx_nmr_software.classification 
_pdbx_nmr_software.authors 
_pdbx_nmr_software.ordinal 
Felix        98 processing           MSI      1 
Orderten_SVD ?  'data analysis'      Losonczi 2 
POSE         ?  'structure solution' Fowler   3 
POSE         ?  refinement           Fowler   4 
# 
loop_
_pdbx_unobs_or_zero_occ_residues.id 
_pdbx_unobs_or_zero_occ_residues.PDB_model_num 
_pdbx_unobs_or_zero_occ_residues.polymer_flag 
_pdbx_unobs_or_zero_occ_residues.occupancy_flag 
_pdbx_unobs_or_zero_occ_residues.auth_asym_id 
_pdbx_unobs_or_zero_occ_residues.auth_comp_id 
_pdbx_unobs_or_zero_occ_residues.auth_seq_id 
_pdbx_unobs_or_zero_occ_residues.PDB_ins_code 
_pdbx_unobs_or_zero_occ_residues.label_asym_id 
_pdbx_unobs_or_zero_occ_residues.label_comp_id 
_pdbx_unobs_or_zero_occ_residues.label_seq_id 
1  1 Y 1 A MET 1  ? A MET 1  
2  1 Y 1 A ALA 2  ? A ALA 2  
3  1 Y 1 A ASP 3  ? A ASP 3  
4  1 Y 1 A GLN 4  ? A GLN 4  
5  1 Y 1 A LYS 18 ? A LYS 18 
6  1 Y 1 A ALA 19 ? A ALA 19 
7  1 Y 1 A GLU 20 ? A GLU 20 
8  1 Y 1 A ASN 21 ? A ASN 21 
9  1 Y 1 A GLY 22 ? A GLY 22 
10 1 Y 1 A GLU 23 ? A GLU 23 
11 1 Y 1 A ARG 24 ? A ARG 24 
12 1 Y 1 A THR 25 ? A THR 25 
13 1 Y 1 A SER 26 ? A SER 26 
14 1 Y 1 A VAL 27 ? A VAL 27 
15 1 Y 1 A ALA 28 ? A ALA 28 
16 1 Y 1 A LEU 29 ? A LEU 29 
17 1 Y 1 A GLY 30 ? A GLY 30 
18 1 Y 1 A GLU 31 ? A GLU 31 
19 1 Y 1 A ILE 32 ? A ILE 32 
20 1 Y 1 A THR 33 ? A THR 33 
21 1 Y 1 A THR 34 ? A THR 34 
22 1 Y 1 A ASP 35 ? A ASP 35 
23 1 Y 1 A THR 36 ? A THR 36 
24 1 Y 1 A GLU 37 ? A GLU 37 
25 1 Y 1 A LEU 38 ? A LEU 38 
26 1 Y 1 A THR 39 ? A THR 39 
27 1 Y 1 A SER 40 ? A SER 40 
28 1 Y 1 A LEU 41 ? A LEU 41 
29 1 Y 1 A GLY 42 ? A GLY 42 
30 1 Y 1 A ILE 43 ? A ILE 43 
31 1 Y 1 A ASP 44 ? A ASP 44 
32 1 Y 1 A SER 45 ? A SER 45 
33 1 Y 1 A TYR 59 ? A TYR 59 
34 1 Y 1 A GLY 60 ? A GLY 60 
35 1 Y 1 A ILE 61 ? A ILE 61 
36 1 Y 1 A LYS 62 ? A LYS 62 
37 1 Y 1 A ILE 63 ? A ILE 63 
38 1 Y 1 A GLU 64 ? A GLU 64 
39 1 Y 1 A MET 65 ? A MET 65 
40 1 Y 1 A ASN 66 ? A ASN 66 
41 1 Y 1 A THR 67 ? A THR 67 
42 1 Y 1 A ALA 68 ? A ALA 68 
43 1 Y 1 A ASP 69 ? A ASP 69 
44 1 Y 1 A ALA 70 ? A ALA 70 
45 1 Y 1 A TRP 71 ? A TRP 71 
46 1 Y 1 A SER 72 ? A SER 72 
47 1 Y 1 A ASN 73 ? A ASN 73 
48 1 Y 1 A LEU 74 ? A LEU 74 
49 1 Y 1 A ASN 75 ? A ASN 75 
50 1 Y 1 A LEU 87 ? A LEU 87 
51 1 Y 1 A LEU 88 ? A LEU 88 
52 1 Y 1 A THR 89 ? A THR 89 
53 1 Y 1 A LYS 90 ? A LYS 90 
54 1 Y 1 A GLU 91 ? A GLU 91 
55 1 Y 1 A VAL 92 ? A VAL 92 
# 
loop_
_chem_comp_atom.comp_id 
_chem_comp_atom.atom_id 
_chem_comp_atom.type_symbol 
_chem_comp_atom.pdbx_aromatic_flag 
_chem_comp_atom.pdbx_stereo_config 
_chem_comp_atom.pdbx_ordinal 
ALA N    N N N 1   
ALA CA   C N S 2   
ALA C    C N N 3   
ALA O    O N N 4   
ALA CB   C N N 5   
ALA OXT  O N N 6   
ALA H    H N N 7   
ALA H2   H N N 8   
ALA HA   H N N 9   
ALA HB1  H N N 10  
ALA HB2  H N N 11  
ALA HB3  H N N 12  
ALA HXT  H N N 13  
ARG N    N N N 14  
ARG CA   C N S 15  
ARG C    C N N 16  
ARG O    O N N 17  
ARG CB   C N N 18  
ARG CG   C N N 19  
ARG CD   C N N 20  
ARG NE   N N N 21  
ARG CZ   C N N 22  
ARG NH1  N N N 23  
ARG NH2  N N N 24  
ARG OXT  O N N 25  
ARG H    H N N 26  
ARG H2   H N N 27  
ARG HA   H N N 28  
ARG HB2  H N N 29  
ARG HB3  H N N 30  
ARG HG2  H N N 31  
ARG HG3  H N N 32  
ARG HD2  H N N 33  
ARG HD3  H N N 34  
ARG HE   H N N 35  
ARG HH11 H N N 36  
ARG HH12 H N N 37  
ARG HH21 H N N 38  
ARG HH22 H N N 39  
ARG HXT  H N N 40  
ASN N    N N N 41  
ASN CA   C N S 42  
ASN C    C N N 43  
ASN O    O N N 44  
ASN CB   C N N 45  
ASN CG   C N N 46  
ASN OD1  O N N 47  
ASN ND2  N N N 48  
ASN OXT  O N N 49  
ASN H    H N N 50  
ASN H2   H N N 51  
ASN HA   H N N 52  
ASN HB2  H N N 53  
ASN HB3  H N N 54  
ASN HD21 H N N 55  
ASN HD22 H N N 56  
ASN HXT  H N N 57  
ASP N    N N N 58  
ASP CA   C N S 59  
ASP C    C N N 60  
ASP O    O N N 61  
ASP CB   C N N 62  
ASP CG   C N N 63  
ASP OD1  O N N 64  
ASP OD2  O N N 65  
ASP OXT  O N N 66  
ASP H    H N N 67  
ASP H2   H N N 68  
ASP HA   H N N 69  
ASP HB2  H N N 70  
ASP HB3  H N N 71  
ASP HD2  H N N 72  
ASP HXT  H N N 73  
GLN N    N N N 74  
GLN CA   C N S 75  
GLN C    C N N 76  
GLN O    O N N 77  
GLN CB   C N N 78  
GLN CG   C N N 79  
GLN CD   C N N 80  
GLN OE1  O N N 81  
GLN NE2  N N N 82  
GLN OXT  O N N 83  
GLN H    H N N 84  
GLN H2   H N N 85  
GLN HA   H N N 86  
GLN HB2  H N N 87  
GLN HB3  H N N 88  
GLN HG2  H N N 89  
GLN HG3  H N N 90  
GLN HE21 H N N 91  
GLN HE22 H N N 92  
GLN HXT  H N N 93  
GLU N    N N N 94  
GLU CA   C N S 95  
GLU C    C N N 96  
GLU O    O N N 97  
GLU CB   C N N 98  
GLU CG   C N N 99  
GLU CD   C N N 100 
GLU OE1  O N N 101 
GLU OE2  O N N 102 
GLU OXT  O N N 103 
GLU H    H N N 104 
GLU H2   H N N 105 
GLU HA   H N N 106 
GLU HB2  H N N 107 
GLU HB3  H N N 108 
GLU HG2  H N N 109 
GLU HG3  H N N 110 
GLU HE2  H N N 111 
GLU HXT  H N N 112 
GLY N    N N N 113 
GLY CA   C N N 114 
GLY C    C N N 115 
GLY O    O N N 116 
GLY OXT  O N N 117 
GLY H    H N N 118 
GLY H2   H N N 119 
GLY HA2  H N N 120 
GLY HA3  H N N 121 
GLY HXT  H N N 122 
ILE N    N N N 123 
ILE CA   C N S 124 
ILE C    C N N 125 
ILE O    O N N 126 
ILE CB   C N S 127 
ILE CG1  C N N 128 
ILE CG2  C N N 129 
ILE CD1  C N N 130 
ILE OXT  O N N 131 
ILE H    H N N 132 
ILE H2   H N N 133 
ILE HA   H N N 134 
ILE HB   H N N 135 
ILE HG12 H N N 136 
ILE HG13 H N N 137 
ILE HG21 H N N 138 
ILE HG22 H N N 139 
ILE HG23 H N N 140 
ILE HD11 H N N 141 
ILE HD12 H N N 142 
ILE HD13 H N N 143 
ILE HXT  H N N 144 
LEU N    N N N 145 
LEU CA   C N S 146 
LEU C    C N N 147 
LEU O    O N N 148 
LEU CB   C N N 149 
LEU CG   C N N 150 
LEU CD1  C N N 151 
LEU CD2  C N N 152 
LEU OXT  O N N 153 
LEU H    H N N 154 
LEU H2   H N N 155 
LEU HA   H N N 156 
LEU HB2  H N N 157 
LEU HB3  H N N 158 
LEU HG   H N N 159 
LEU HD11 H N N 160 
LEU HD12 H N N 161 
LEU HD13 H N N 162 
LEU HD21 H N N 163 
LEU HD22 H N N 164 
LEU HD23 H N N 165 
LEU HXT  H N N 166 
LYS N    N N N 167 
LYS CA   C N S 168 
LYS C    C N N 169 
LYS O    O N N 170 
LYS CB   C N N 171 
LYS CG   C N N 172 
LYS CD   C N N 173 
LYS CE   C N N 174 
LYS NZ   N N N 175 
LYS OXT  O N N 176 
LYS H    H N N 177 
LYS H2   H N N 178 
LYS HA   H N N 179 
LYS HB2  H N N 180 
LYS HB3  H N N 181 
LYS HG2  H N N 182 
LYS HG3  H N N 183 
LYS HD2  H N N 184 
LYS HD3  H N N 185 
LYS HE2  H N N 186 
LYS HE3  H N N 187 
LYS HZ1  H N N 188 
LYS HZ2  H N N 189 
LYS HZ3  H N N 190 
LYS HXT  H N N 191 
MET N    N N N 192 
MET CA   C N S 193 
MET C    C N N 194 
MET O    O N N 195 
MET CB   C N N 196 
MET CG   C N N 197 
MET SD   S N N 198 
MET CE   C N N 199 
MET OXT  O N N 200 
MET H    H N N 201 
MET H2   H N N 202 
MET HA   H N N 203 
MET HB2  H N N 204 
MET HB3  H N N 205 
MET HG2  H N N 206 
MET HG3  H N N 207 
MET HE1  H N N 208 
MET HE2  H N N 209 
MET HE3  H N N 210 
MET HXT  H N N 211 
SER N    N N N 212 
SER CA   C N S 213 
SER C    C N N 214 
SER O    O N N 215 
SER CB   C N N 216 
SER OG   O N N 217 
SER OXT  O N N 218 
SER H    H N N 219 
SER H2   H N N 220 
SER HA   H N N 221 
SER HB2  H N N 222 
SER HB3  H N N 223 
SER HG   H N N 224 
SER HXT  H N N 225 
THR N    N N N 226 
THR CA   C N S 227 
THR C    C N N 228 
THR O    O N N 229 
THR CB   C N R 230 
THR OG1  O N N 231 
THR CG2  C N N 232 
THR OXT  O N N 233 
THR H    H N N 234 
THR H2   H N N 235 
THR HA   H N N 236 
THR HB   H N N 237 
THR HG1  H N N 238 
THR HG21 H N N 239 
THR HG22 H N N 240 
THR HG23 H N N 241 
THR HXT  H N N 242 
TRP N    N N N 243 
TRP CA   C N S 244 
TRP C    C N N 245 
TRP O    O N N 246 
TRP CB   C N N 247 
TRP CG   C Y N 248 
TRP CD1  C Y N 249 
TRP CD2  C Y N 250 
TRP NE1  N Y N 251 
TRP CE2  C Y N 252 
TRP CE3  C Y N 253 
TRP CZ2  C Y N 254 
TRP CZ3  C Y N 255 
TRP CH2  C Y N 256 
TRP OXT  O N N 257 
TRP H    H N N 258 
TRP H2   H N N 259 
TRP HA   H N N 260 
TRP HB2  H N N 261 
TRP HB3  H N N 262 
TRP HD1  H N N 263 
TRP HE1  H N N 264 
TRP HE3  H N N 265 
TRP HZ2  H N N 266 
TRP HZ3  H N N 267 
TRP HH2  H N N 268 
TRP HXT  H N N 269 
TYR N    N N N 270 
TYR CA   C N S 271 
TYR C    C N N 272 
TYR O    O N N 273 
TYR CB   C N N 274 
TYR CG   C Y N 275 
TYR CD1  C Y N 276 
TYR CD2  C Y N 277 
TYR CE1  C Y N 278 
TYR CE2  C Y N 279 
TYR CZ   C Y N 280 
TYR OH   O N N 281 
TYR OXT  O N N 282 
TYR H    H N N 283 
TYR H2   H N N 284 
TYR HA   H N N 285 
TYR HB2  H N N 286 
TYR HB3  H N N 287 
TYR HD1  H N N 288 
TYR HD2  H N N 289 
TYR HE1  H N N 290 
TYR HE2  H N N 291 
TYR HH   H N N 292 
TYR HXT  H N N 293 
VAL N    N N N 294 
VAL CA   C N S 295 
VAL C    C N N 296 
VAL O    O N N 297 
VAL CB   C N N 298 
VAL CG1  C N N 299 
VAL CG2  C N N 300 
VAL OXT  O N N 301 
VAL H    H N N 302 
VAL H2   H N N 303 
VAL HA   H N N 304 
VAL HB   H N N 305 
VAL HG11 H N N 306 
VAL HG12 H N N 307 
VAL HG13 H N N 308 
VAL HG21 H N N 309 
VAL HG22 H N N 310 
VAL HG23 H N N 311 
VAL HXT  H N N 312 
# 
loop_
_chem_comp_bond.comp_id 
_chem_comp_bond.atom_id_1 
_chem_comp_bond.atom_id_2 
_chem_comp_bond.value_order 
_chem_comp_bond.pdbx_aromatic_flag 
_chem_comp_bond.pdbx_stereo_config 
_chem_comp_bond.pdbx_ordinal 
ALA N   CA   sing N N 1   
ALA N   H    sing N N 2   
ALA N   H2   sing N N 3   
ALA CA  C    sing N N 4   
ALA CA  CB   sing N N 5   
ALA CA  HA   sing N N 6   
ALA C   O    doub N N 7   
ALA C   OXT  sing N N 8   
ALA CB  HB1  sing N N 9   
ALA CB  HB2  sing N N 10  
ALA CB  HB3  sing N N 11  
ALA OXT HXT  sing N N 12  
ARG N   CA   sing N N 13  
ARG N   H    sing N N 14  
ARG N   H2   sing N N 15  
ARG CA  C    sing N N 16  
ARG CA  CB   sing N N 17  
ARG CA  HA   sing N N 18  
ARG C   O    doub N N 19  
ARG C   OXT  sing N N 20  
ARG CB  CG   sing N N 21  
ARG CB  HB2  sing N N 22  
ARG CB  HB3  sing N N 23  
ARG CG  CD   sing N N 24  
ARG CG  HG2  sing N N 25  
ARG CG  HG3  sing N N 26  
ARG CD  NE   sing N N 27  
ARG CD  HD2  sing N N 28  
ARG CD  HD3  sing N N 29  
ARG NE  CZ   sing N N 30  
ARG NE  HE   sing N N 31  
ARG CZ  NH1  sing N N 32  
ARG CZ  NH2  doub N N 33  
ARG NH1 HH11 sing N N 34  
ARG NH1 HH12 sing N N 35  
ARG NH2 HH21 sing N N 36  
ARG NH2 HH22 sing N N 37  
ARG OXT HXT  sing N N 38  
ASN N   CA   sing N N 39  
ASN N   H    sing N N 40  
ASN N   H2   sing N N 41  
ASN CA  C    sing N N 42  
ASN CA  CB   sing N N 43  
ASN CA  HA   sing N N 44  
ASN C   O    doub N N 45  
ASN C   OXT  sing N N 46  
ASN CB  CG   sing N N 47  
ASN CB  HB2  sing N N 48  
ASN CB  HB3  sing N N 49  
ASN CG  OD1  doub N N 50  
ASN CG  ND2  sing N N 51  
ASN ND2 HD21 sing N N 52  
ASN ND2 HD22 sing N N 53  
ASN OXT HXT  sing N N 54  
ASP N   CA   sing N N 55  
ASP N   H    sing N N 56  
ASP N   H2   sing N N 57  
ASP CA  C    sing N N 58  
ASP CA  CB   sing N N 59  
ASP CA  HA   sing N N 60  
ASP C   O    doub N N 61  
ASP C   OXT  sing N N 62  
ASP CB  CG   sing N N 63  
ASP CB  HB2  sing N N 64  
ASP CB  HB3  sing N N 65  
ASP CG  OD1  doub N N 66  
ASP CG  OD2  sing N N 67  
ASP OD2 HD2  sing N N 68  
ASP OXT HXT  sing N N 69  
GLN N   CA   sing N N 70  
GLN N   H    sing N N 71  
GLN N   H2   sing N N 72  
GLN CA  C    sing N N 73  
GLN CA  CB   sing N N 74  
GLN CA  HA   sing N N 75  
GLN C   O    doub N N 76  
GLN C   OXT  sing N N 77  
GLN CB  CG   sing N N 78  
GLN CB  HB2  sing N N 79  
GLN CB  HB3  sing N N 80  
GLN CG  CD   sing N N 81  
GLN CG  HG2  sing N N 82  
GLN CG  HG3  sing N N 83  
GLN CD  OE1  doub N N 84  
GLN CD  NE2  sing N N 85  
GLN NE2 HE21 sing N N 86  
GLN NE2 HE22 sing N N 87  
GLN OXT HXT  sing N N 88  
GLU N   CA   sing N N 89  
GLU N   H    sing N N 90  
GLU N   H2   sing N N 91  
GLU CA  C    sing N N 92  
GLU CA  CB   sing N N 93  
GLU CA  HA   sing N N 94  
GLU C   O    doub N N 95  
GLU C   OXT  sing N N 96  
GLU CB  CG   sing N N 97  
GLU CB  HB2  sing N N 98  
GLU CB  HB3  sing N N 99  
GLU CG  CD   sing N N 100 
GLU CG  HG2  sing N N 101 
GLU CG  HG3  sing N N 102 
GLU CD  OE1  doub N N 103 
GLU CD  OE2  sing N N 104 
GLU OE2 HE2  sing N N 105 
GLU OXT HXT  sing N N 106 
GLY N   CA   sing N N 107 
GLY N   H    sing N N 108 
GLY N   H2   sing N N 109 
GLY CA  C    sing N N 110 
GLY CA  HA2  sing N N 111 
GLY CA  HA3  sing N N 112 
GLY C   O    doub N N 113 
GLY C   OXT  sing N N 114 
GLY OXT HXT  sing N N 115 
ILE N   CA   sing N N 116 
ILE N   H    sing N N 117 
ILE N   H2   sing N N 118 
ILE CA  C    sing N N 119 
ILE CA  CB   sing N N 120 
ILE CA  HA   sing N N 121 
ILE C   O    doub N N 122 
ILE C   OXT  sing N N 123 
ILE CB  CG1  sing N N 124 
ILE CB  CG2  sing N N 125 
ILE CB  HB   sing N N 126 
ILE CG1 CD1  sing N N 127 
ILE CG1 HG12 sing N N 128 
ILE CG1 HG13 sing N N 129 
ILE CG2 HG21 sing N N 130 
ILE CG2 HG22 sing N N 131 
ILE CG2 HG23 sing N N 132 
ILE CD1 HD11 sing N N 133 
ILE CD1 HD12 sing N N 134 
ILE CD1 HD13 sing N N 135 
ILE OXT HXT  sing N N 136 
LEU N   CA   sing N N 137 
LEU N   H    sing N N 138 
LEU N   H2   sing N N 139 
LEU CA  C    sing N N 140 
LEU CA  CB   sing N N 141 
LEU CA  HA   sing N N 142 
LEU C   O    doub N N 143 
LEU C   OXT  sing N N 144 
LEU CB  CG   sing N N 145 
LEU CB  HB2  sing N N 146 
LEU CB  HB3  sing N N 147 
LEU CG  CD1  sing N N 148 
LEU CG  CD2  sing N N 149 
LEU CG  HG   sing N N 150 
LEU CD1 HD11 sing N N 151 
LEU CD1 HD12 sing N N 152 
LEU CD1 HD13 sing N N 153 
LEU CD2 HD21 sing N N 154 
LEU CD2 HD22 sing N N 155 
LEU CD2 HD23 sing N N 156 
LEU OXT HXT  sing N N 157 
LYS N   CA   sing N N 158 
LYS N   H    sing N N 159 
LYS N   H2   sing N N 160 
LYS CA  C    sing N N 161 
LYS CA  CB   sing N N 162 
LYS CA  HA   sing N N 163 
LYS C   O    doub N N 164 
LYS C   OXT  sing N N 165 
LYS CB  CG   sing N N 166 
LYS CB  HB2  sing N N 167 
LYS CB  HB3  sing N N 168 
LYS CG  CD   sing N N 169 
LYS CG  HG2  sing N N 170 
LYS CG  HG3  sing N N 171 
LYS CD  CE   sing N N 172 
LYS CD  HD2  sing N N 173 
LYS CD  HD3  sing N N 174 
LYS CE  NZ   sing N N 175 
LYS CE  HE2  sing N N 176 
LYS CE  HE3  sing N N 177 
LYS NZ  HZ1  sing N N 178 
LYS NZ  HZ2  sing N N 179 
LYS NZ  HZ3  sing N N 180 
LYS OXT HXT  sing N N 181 
MET N   CA   sing N N 182 
MET N   H    sing N N 183 
MET N   H2   sing N N 184 
MET CA  C    sing N N 185 
MET CA  CB   sing N N 186 
MET CA  HA   sing N N 187 
MET C   O    doub N N 188 
MET C   OXT  sing N N 189 
MET CB  CG   sing N N 190 
MET CB  HB2  sing N N 191 
MET CB  HB3  sing N N 192 
MET CG  SD   sing N N 193 
MET CG  HG2  sing N N 194 
MET CG  HG3  sing N N 195 
MET SD  CE   sing N N 196 
MET CE  HE1  sing N N 197 
MET CE  HE2  sing N N 198 
MET CE  HE3  sing N N 199 
MET OXT HXT  sing N N 200 
SER N   CA   sing N N 201 
SER N   H    sing N N 202 
SER N   H2   sing N N 203 
SER CA  C    sing N N 204 
SER CA  CB   sing N N 205 
SER CA  HA   sing N N 206 
SER C   O    doub N N 207 
SER C   OXT  sing N N 208 
SER CB  OG   sing N N 209 
SER CB  HB2  sing N N 210 
SER CB  HB3  sing N N 211 
SER OG  HG   sing N N 212 
SER OXT HXT  sing N N 213 
THR N   CA   sing N N 214 
THR N   H    sing N N 215 
THR N   H2   sing N N 216 
THR CA  C    sing N N 217 
THR CA  CB   sing N N 218 
THR CA  HA   sing N N 219 
THR C   O    doub N N 220 
THR C   OXT  sing N N 221 
THR CB  OG1  sing N N 222 
THR CB  CG2  sing N N 223 
THR CB  HB   sing N N 224 
THR OG1 HG1  sing N N 225 
THR CG2 HG21 sing N N 226 
THR CG2 HG22 sing N N 227 
THR CG2 HG23 sing N N 228 
THR OXT HXT  sing N N 229 
TRP N   CA   sing N N 230 
TRP N   H    sing N N 231 
TRP N   H2   sing N N 232 
TRP CA  C    sing N N 233 
TRP CA  CB   sing N N 234 
TRP CA  HA   sing N N 235 
TRP C   O    doub N N 236 
TRP C   OXT  sing N N 237 
TRP CB  CG   sing N N 238 
TRP CB  HB2  sing N N 239 
TRP CB  HB3  sing N N 240 
TRP CG  CD1  doub Y N 241 
TRP CG  CD2  sing Y N 242 
TRP CD1 NE1  sing Y N 243 
TRP CD1 HD1  sing N N 244 
TRP CD2 CE2  doub Y N 245 
TRP CD2 CE3  sing Y N 246 
TRP NE1 CE2  sing Y N 247 
TRP NE1 HE1  sing N N 248 
TRP CE2 CZ2  sing Y N 249 
TRP CE3 CZ3  doub Y N 250 
TRP CE3 HE3  sing N N 251 
TRP CZ2 CH2  doub Y N 252 
TRP CZ2 HZ2  sing N N 253 
TRP CZ3 CH2  sing Y N 254 
TRP CZ3 HZ3  sing N N 255 
TRP CH2 HH2  sing N N 256 
TRP OXT HXT  sing N N 257 
TYR N   CA   sing N N 258 
TYR N   H    sing N N 259 
TYR N   H2   sing N N 260 
TYR CA  C    sing N N 261 
TYR CA  CB   sing N N 262 
TYR CA  HA   sing N N 263 
TYR C   O    doub N N 264 
TYR C   OXT  sing N N 265 
TYR CB  CG   sing N N 266 
TYR CB  HB2  sing N N 267 
TYR CB  HB3  sing N N 268 
TYR CG  CD1  doub Y N 269 
TYR CG  CD2  sing Y N 270 
TYR CD1 CE1  sing Y N 271 
TYR CD1 HD1  sing N N 272 
TYR CD2 CE2  doub Y N 273 
TYR CD2 HD2  sing N N 274 
TYR CE1 CZ   doub Y N 275 
TYR CE1 HE1  sing N N 276 
TYR CE2 CZ   sing Y N 277 
TYR CE2 HE2  sing N N 278 
TYR CZ  OH   sing N N 279 
TYR OH  HH   sing N N 280 
TYR OXT HXT  sing N N 281 
VAL N   CA   sing N N 282 
VAL N   H    sing N N 283 
VAL N   H2   sing N N 284 
VAL CA  C    sing N N 285 
VAL CA  CB   sing N N 286 
VAL CA  HA   sing N N 287 
VAL C   O    doub N N 288 
VAL C   OXT  sing N N 289 
VAL CB  CG1  sing N N 290 
VAL CB  CG2  sing N N 291 
VAL CB  HB   sing N N 292 
VAL CG1 HG11 sing N N 293 
VAL CG1 HG12 sing N N 294 
VAL CG1 HG13 sing N N 295 
VAL CG2 HG21 sing N N 296 
VAL CG2 HG22 sing N N 297 
VAL CG2 HG23 sing N N 298 
VAL OXT HXT  sing N N 299 
# 
loop_
_pdbx_nmr_spectrometer.spectrometer_id 
_pdbx_nmr_spectrometer.type 
_pdbx_nmr_spectrometer.manufacturer 
_pdbx_nmr_spectrometer.model 
_pdbx_nmr_spectrometer.field_strength 
1 ? Varian INOVA 800 
2 ? Varian INOVA 600 
3 ? Varian INOVA 500 
# 
_atom_sites.entry_id                    1FH1 
_atom_sites.fract_transf_matrix[1][1]   1.000000 
_atom_sites.fract_transf_matrix[1][2]   0.000000 
_atom_sites.fract_transf_matrix[1][3]   0.000000 
_atom_sites.fract_transf_matrix[2][1]   0.000000 
_atom_sites.fract_transf_matrix[2][2]   1.000000 
_atom_sites.fract_transf_matrix[2][3]   0.000000 
_atom_sites.fract_transf_matrix[3][1]   0.000000 
_atom_sites.fract_transf_matrix[3][2]   0.000000 
_atom_sites.fract_transf_matrix[3][3]   1.000000 
_atom_sites.fract_transf_vector[1]      0.00000 
_atom_sites.fract_transf_vector[2]      0.00000 
_atom_sites.fract_transf_vector[3]      0.00000 
# 
loop_
_atom_type.symbol 
C 
H 
N 
O 
# 
loop_
_atom_site.group_PDB 
_atom_site.id 
_atom_site.type_symbol 
_atom_site.label_atom_id 
_atom_site.label_alt_id 
_atom_site.label_comp_id 
_atom_site.label_asym_id 
_atom_site.label_entity_id 
_atom_site.label_seq_id 
_atom_site.pdbx_PDB_ins_code 
_atom_site.Cartn_x 
_atom_site.Cartn_y 
_atom_site.Cartn_z 
_atom_site.occupancy 
_atom_site.B_iso_or_equiv 
_atom_site.pdbx_formal_charge 
_atom_site.auth_seq_id 
_atom_site.auth_comp_id 
_atom_site.auth_asym_id 
_atom_site.auth_atom_id 
_atom_site.pdbx_PDB_model_num 
ATOM 1   N N   . LEU A 1 5  ? 3.760   -5.574  11.949 1.00 0.00 ? 5  LEU A N   1 
ATOM 2   C CA  . LEU A 1 5  ? 3.491   -4.187  11.584 1.00 0.00 ? 5  LEU A CA  1 
ATOM 3   C C   . LEU A 1 5  ? 3.314   -4.044  10.092 1.00 0.00 ? 5  LEU A C   1 
ATOM 4   O O   . LEU A 1 5  ? 2.382   -3.398  9.601  1.00 0.00 ? 5  LEU A O   1 
ATOM 5   C CB  . LEU A 1 5  ? 4.644   -3.328  12.133 1.00 0.00 ? 5  LEU A CB  1 
ATOM 6   H H   . LEU A 1 5  ? 4.647   -5.861  12.496 1.00 0.00 ? 5  LEU A H   1 
ATOM 7   H HA  . LEU A 1 5  ? 2.540   -3.874  12.057 1.00 0.00 ? 5  LEU A HA  1 
ATOM 8   N N   . THR A 1 6  ? 4.223   -4.643  9.342  1.00 0.00 ? 6  THR A N   1 
ATOM 9   C CA  . THR A 1 6  ? 4.179   -4.589  7.884  1.00 0.00 ? 6  THR A CA  1 
ATOM 10  C C   . THR A 1 6  ? 2.865   -5.126  7.363  1.00 0.00 ? 6  THR A C   1 
ATOM 11  O O   . THR A 1 6  ? 2.217   -4.533  6.492  1.00 0.00 ? 6  THR A O   1 
ATOM 12  C CB  . THR A 1 6  ? 5.393   -5.371  7.353  1.00 0.00 ? 6  THR A CB  1 
ATOM 13  H H   . THR A 1 6  ? 5.000   -5.174  9.873  1.00 0.00 ? 6  THR A H   1 
ATOM 14  H HA  . THR A 1 6  ? 4.251   -3.533  7.566  1.00 0.00 ? 6  THR A HA  1 
ATOM 15  N N   . LEU A 1 7  ? 2.460   -6.268  7.881  1.00 0.00 ? 7  LEU A N   1 
ATOM 16  C CA  . LEU A 1 7  ? 1.211   -6.903  7.474  1.00 0.00 ? 7  LEU A CA  1 
ATOM 17  C C   . LEU A 1 7  ? 0.039   -5.974  7.676  1.00 0.00 ? 7  LEU A C   1 
ATOM 18  O O   . LEU A 1 7  ? -0.824  -5.807  6.807  1.00 0.00 ? 7  LEU A O   1 
ATOM 19  C CB  . LEU A 1 7  ? 1.075   -8.216  8.263  1.00 0.00 ? 7  LEU A CB  1 
ATOM 20  H H   . LEU A 1 7  ? 3.106   -6.706  8.627  1.00 0.00 ? 7  LEU A H   1 
ATOM 21  H HA  . LEU A 1 7  ? 1.266   -7.129  6.391  1.00 0.00 ? 7  LEU A HA  1 
ATOM 22  N N   . GLU A 1 8  ? -0.015  -5.358  8.844  1.00 0.00 ? 8  GLU A N   1 
ATOM 23  C CA  . GLU A 1 8  ? -1.092  -4.431  9.180  1.00 0.00 ? 8  GLU A CA  1 
ATOM 24  C C   . GLU A 1 8  ? -1.173  -3.309  8.175  1.00 0.00 ? 8  GLU A C   1 
ATOM 25  O O   . GLU A 1 8  ? -2.248  -2.946  7.682  1.00 0.00 ? 8  GLU A O   1 
ATOM 26  C CB  . GLU A 1 8  ? -0.842  -3.928  10.612 1.00 0.00 ? 8  GLU A CB  1 
ATOM 27  H H   . GLU A 1 8  ? 0.783   -5.582  9.535  1.00 0.00 ? 8  GLU A H   1 
ATOM 28  H HA  . GLU A 1 8  ? -2.054  -4.977  9.142  1.00 0.00 ? 8  GLU A HA  1 
ATOM 29  N N   . ILE A 1 9  ? -0.030  -2.731  7.855  1.00 0.00 ? 9  ILE A N   1 
ATOM 30  C CA  . ILE A 1 9  ? 0.042   -1.632  6.897  1.00 0.00 ? 9  ILE A CA  1 
ATOM 31  C C   . ILE A 1 9  ? -0.928  -2.450  6.081  1.00 0.00 ? 9  ILE A C   1 
ATOM 32  O O   . ILE A 1 9  ? -1.762  -1.928  5.333  1.00 0.00 ? 9  ILE A O   1 
ATOM 33  C CB  . ILE A 1 9  ? 1.474   -1.665  6.332  1.00 0.00 ? 9  ILE A CB  1 
ATOM 34  H H   . ILE A 1 9  ? 1.026   -2.427  8.734  1.00 0.00 ? 9  ILE A H   1 
ATOM 35  H HA  . ILE A 1 9  ? -0.328  -0.591  6.899  1.00 0.00 ? 9  ILE A HA  1 
ATOM 36  N N   . ILE A 1 10 ? -0.826  -3.763  6.203  1.00 0.00 ? 10 ILE A N   1 
ATOM 37  C CA  . ILE A 1 10 ? -1.698  -4.678  5.474  1.00 0.00 ? 10 ILE A CA  1 
ATOM 38  C C   . ILE A 1 10 ? -3.151  -4.398  5.776  1.00 0.00 ? 10 ILE A C   1 
ATOM 39  O O   . ILE A 1 10 ? -4.004  -4.326  4.882  1.00 0.00 ? 10 ILE A O   1 
ATOM 40  C CB  . ILE A 1 10 ? -1.280  -6.113  5.842  1.00 0.00 ? 10 ILE A CB  1 
ATOM 41  H H   . ILE A 1 10 ? -0.058  -4.118  6.876  1.00 0.00 ? 10 ILE A H   1 
ATOM 42  H HA  . ILE A 1 10 ? -1.551  -4.520  4.390  1.00 0.00 ? 10 ILE A HA  1 
ATOM 43  N N   . SER A 1 11 ? -3.459  -4.245  7.051  1.00 0.00 ? 11 SER A N   1 
ATOM 44  C CA  . SER A 1 11 ? -4.823  -3.969  7.487  1.00 0.00 ? 11 SER A CA  1 
ATOM 45  C C   . SER A 1 11 ? -5.359  -2.719  6.832  1.00 0.00 ? 11 SER A C   1 
ATOM 46  O O   . SER A 1 11 ? -6.487  -2.678  6.326  1.00 0.00 ? 11 SER A O   1 
ATOM 47  C CB  . SER A 1 11 ? -4.810  -3.878  9.023  1.00 0.00 ? 11 SER A CB  1 
ATOM 48  H H   . SER A 1 11 ? -2.641  -4.337  7.749  1.00 0.00 ? 11 SER A H   1 
ATOM 49  H HA  . SER A 1 11 ? -5.472  -4.809  7.175  1.00 0.00 ? 11 SER A HA  1 
ATOM 50  N N   . ALA A 1 12 ? -4.560  -1.669  6.841  1.00 0.00 ? 12 ALA A N   1 
ATOM 51  C CA  . ALA A 1 12 ? -4.946  -0.397  6.243  1.00 0.00 ? 12 ALA A CA  1 
ATOM 52  C C   . ALA A 1 12 ? -5.304  -0.566  4.786  1.00 0.00 ? 12 ALA A C   1 
ATOM 53  O O   . ALA A 1 12 ? -6.321  -0.063  4.298  1.00 0.00 ? 12 ALA A O   1 
ATOM 54  C CB  . ALA A 1 12 ? -3.785  0.591   6.460  1.00 0.00 ? 12 ALA A CB  1 
ATOM 55  H H   . ALA A 1 12 ? -3.601  -1.811  7.318  1.00 0.00 ? 12 ALA A H   1 
ATOM 56  H HA  . ALA A 1 12 ? -5.849  -0.022  6.761  1.00 0.00 ? 12 ALA A HA  1 
ATOM 57  N N   . ILE A 1 13 ? -4.458  -1.280  4.064  1.00 0.00 ? 13 ILE A N   1 
ATOM 58  C CA  . ILE A 1 13 ? -4.677  -1.527  2.641  1.00 0.00 ? 13 ILE A CA  1 
ATOM 59  C C   . ILE A 1 13 ? -5.514  -1.771  1.409  1.00 0.00 ? 13 ILE A C   1 
ATOM 60  O O   . ILE A 1 13 ? -5.608  -0.933  0.503  1.00 0.00 ? 13 ILE A O   1 
ATOM 61  C CB  . ILE A 1 13 ? -3.360  -2.325  2.638  1.00 0.00 ? 13 ILE A CB  1 
ATOM 62  H H   . ILE A 1 13 ? -5.028  -2.611  4.558  1.00 0.00 ? 13 ILE A H   1 
ATOM 63  H HA  . ILE A 1 13 ? -4.451  -0.445  2.676  1.00 0.00 ? 13 ILE A HA  1 
ATOM 64  N N   . ASN A 1 14 ? -6.130  -2.936  1.349  1.00 0.00 ? 14 ASN A N   1 
ATOM 65  C CA  . ASN A 1 14 ? -6.973  -3.309  0.215  1.00 0.00 ? 14 ASN A CA  1 
ATOM 66  C C   . ASN A 1 14 ? -8.079  -2.300  0.010  1.00 0.00 ? 14 ASN A C   1 
ATOM 67  O O   . ASN A 1 14 ? -8.355  -1.850  -1.107 1.00 0.00 ? 14 ASN A O   1 
ATOM 68  C CB  . ASN A 1 14 ? -7.501  -4.729  0.478  1.00 0.00 ? 14 ASN A CB  1 
ATOM 69  H H   . ASN A 1 14 ? -5.972  -3.598  2.187  1.00 0.00 ? 14 ASN A H   1 
ATOM 70  H HA  . ASN A 1 14 ? -6.354  -3.308  -0.701 1.00 0.00 ? 14 ASN A HA  1 
ATOM 71  N N   . LYS A 1 15 ? -8.741  -1.942  1.094  1.00 0.00 ? 15 LYS A N   1 
ATOM 72  C CA  . LYS A 1 15 ? -9.836  -0.976  1.045  1.00 0.00 ? 15 LYS A CA  1 
ATOM 73  C C   . LYS A 1 15 ? -9.378  0.330   0.448  1.00 0.00 ? 15 LYS A C   1 
ATOM 74  O O   . LYS A 1 15 ? -10.035 0.923   -0.420 1.00 0.00 ? 15 LYS A O   1 
ATOM 75  C CB  . LYS A 1 15 ? -10.384 -0.821  2.475  1.00 0.00 ? 15 LYS A CB  1 
ATOM 76  H H   . LYS A 1 15 ? -8.428  -2.405  2.017  1.00 0.00 ? 15 LYS A H   1 
ATOM 77  H HA  . LYS A 1 15 ? -10.632 -1.377  0.388  1.00 0.00 ? 15 LYS A HA  1 
ATOM 78  N N   . LEU A 1 16 ? -8.242  0.814   0.914  1.00 0.00 ? 16 LEU A N   1 
ATOM 79  C CA  . LEU A 1 16 ? -7.677  2.069   0.429  1.00 0.00 ? 16 LEU A CA  1 
ATOM 80  C C   . LEU A 1 16 ? -7.468  2.029   -1.065 1.00 0.00 ? 16 LEU A C   1 
ATOM 81  O O   . LEU A 1 16 ? -7.816  2.958   -1.802 1.00 0.00 ? 16 LEU A O   1 
ATOM 82  C CB  . LEU A 1 16 ? -6.374  2.327   1.208  1.00 0.00 ? 16 LEU A CB  1 
ATOM 83  H H   . LEU A 1 16 ? -7.755  0.224   1.678  1.00 0.00 ? 16 LEU A H   1 
ATOM 84  H HA  . LEU A 1 16 ? -8.397  2.885   0.637  1.00 0.00 ? 16 LEU A HA  1 
ATOM 85  N N   . VAL A 1 17 ? -6.879  0.945   -1.537 1.00 0.00 ? 17 VAL A N   1 
ATOM 86  C CA  . VAL A 1 17 ? -6.613  0.765   -2.960 1.00 0.00 ? 17 VAL A CA  1 
ATOM 87  C C   . VAL A 1 17 ? -7.886  0.870   -3.766 1.00 0.00 ? 17 VAL A C   1 
ATOM 88  O O   . VAL A 1 17 ? -7.954  1.549   -4.797 1.00 0.00 ? 17 VAL A O   1 
ATOM 89  C CB  . VAL A 1 17 ? -5.903  -0.588  -3.136 1.00 0.00 ? 17 VAL A CB  1 
ATOM 90  H H   . VAL A 1 17 ? -6.607  0.197   -0.806 1.00 0.00 ? 17 VAL A H   1 
ATOM 91  H HA  . VAL A 1 17 ? -5.942  1.580   -3.299 1.00 0.00 ? 17 VAL A HA  1 
ATOM 92  N N   . LEU A 1 46 ? -11.372 10.876  -6.144 1.00 0.00 ? 46 LEU A N   1 
ATOM 93  C CA  . LEU A 1 46 ? -10.682 10.045  -7.128 1.00 0.00 ? 46 LEU A CA  1 
ATOM 94  C C   . LEU A 1 46 ? -9.196  10.023  -6.873 1.00 0.00 ? 46 LEU A C   1 
ATOM 95  O O   . LEU A 1 46 ? -8.545  8.972   -6.881 1.00 0.00 ? 46 LEU A O   1 
ATOM 96  C CB  . LEU A 1 46 ? -11.041 10.585  -8.525 1.00 0.00 ? 46 LEU A CB  1 
ATOM 97  H H   . LEU A 1 46 ? -11.991 11.711  -6.432 1.00 0.00 ? 46 LEU A H   1 
ATOM 98  H HA  . LEU A 1 46 ? -11.047 9.004   -7.031 1.00 0.00 ? 46 LEU A HA  1 
ATOM 99  N N   . GLY A 1 47 ? -8.629  11.194  -6.653 1.00 0.00 ? 47 GLY A N   1 
ATOM 100 C CA  . GLY A 1 47 ? -7.198  11.326  -6.391 1.00 0.00 ? 47 GLY A CA  1 
ATOM 101 C C   . GLY A 1 47 ? -6.787  10.492  -5.199 1.00 0.00 ? 47 GLY A C   1 
ATOM 102 O O   . GLY A 1 47 ? -5.789  9.763   -5.224 1.00 0.00 ? 47 GLY A O   1 
ATOM 103 H H   . GLY A 1 47 ? -9.286  12.052  -6.677 1.00 0.00 ? 47 GLY A H   1 
ATOM 104 H HA2 . GLY A 1 47 ? -6.642  10.942  -7.268 1.00 0.00 ? 47 GLY A HA2 1 
ATOM 105 H HA3 . GLY A 1 47 ? -6.893  12.823  -6.205 1.00 0.00 ? 47 GLY A HA3 1 
ATOM 106 N N   . LEU A 1 48 ? -7.552  10.597  -4.130 1.00 0.00 ? 48 LEU A N   1 
ATOM 107 C CA  . LEU A 1 48 ? -7.275  9.850   -2.905 1.00 0.00 ? 48 LEU A CA  1 
ATOM 108 C C   . LEU A 1 48 ? -7.228  8.364   -3.177 1.00 0.00 ? 48 LEU A C   1 
ATOM 109 O O   . LEU A 1 48 ? -6.325  7.647   -2.733 1.00 0.00 ? 48 LEU A O   1 
ATOM 110 C CB  . LEU A 1 48 ? -8.349  10.234  -1.874 1.00 0.00 ? 48 LEU A CB  1 
ATOM 111 H H   . LEU A 1 48 ? -8.394  11.267  -4.212 1.00 0.00 ? 48 LEU A H   1 
ATOM 112 H HA  . LEU A 1 48 ? -6.279  10.146  -2.528 1.00 0.00 ? 48 LEU A HA  1 
ATOM 113 N N   . ALA A 1 49 ? -8.217  7.878   -3.905 1.00 0.00 ? 49 ALA A N   1 
ATOM 114 C CA  . ALA A 1 49 ? -8.301  6.462   -4.245 1.00 0.00 ? 49 ALA A CA  1 
ATOM 115 C C   . ALA A 1 49 ? -7.056  6.004   -4.968 1.00 0.00 ? 49 ALA A C   1 
ATOM 116 O O   . ALA A 1 49 ? -6.470  4.958   -4.664 1.00 0.00 ? 49 ALA A O   1 
ATOM 117 C CB  . ALA A 1 49 ? -9.580  6.257   -5.075 1.00 0.00 ? 49 ALA A CB  1 
ATOM 118 H H   . ALA A 1 49 ? -8.960  8.591   -4.233 1.00 0.00 ? 49 ALA A H   1 
ATOM 119 H HA  . ALA A 1 49 ? -8.370  5.876   -3.308 1.00 0.00 ? 49 ALA A HA  1 
ATOM 120 N N   . ASP A 1 50 ? -6.638  6.780   -5.950 1.00 0.00 ? 50 ASP A N   1 
ATOM 121 C CA  . ASP A 1 50 ? -5.450  6.461   -6.734 1.00 0.00 ? 50 ASP A CA  1 
ATOM 122 C C   . ASP A 1 50 ? -3.988  6.825   -6.831 1.00 0.00 ? 50 ASP A C   1 
ATOM 123 O O   . ASP A 1 50 ? -3.114  6.197   -6.221 1.00 0.00 ? 50 ASP A O   1 
ATOM 124 C CB  . ASP A 1 50 ? -5.974  5.758   -8.000 1.00 0.00 ? 50 ASP A CB  1 
ATOM 125 H H   . ASP A 1 50 ? -7.076  7.917   -7.182 1.00 0.00 ? 50 ASP A H   1 
ATOM 126 H HA  . ASP A 1 50 ? -5.563  5.787   -5.866 1.00 0.00 ? 50 ASP A HA  1 
ATOM 127 N N   . VAL A 1 51 ? -3.696  7.846   -7.616 1.00 0.00 ? 51 VAL A N   1 
ATOM 128 C CA  . VAL A 1 51 ? -2.325  8.310   -7.804 1.00 0.00 ? 51 VAL A CA  1 
ATOM 129 C C   . VAL A 1 51 ? -1.691  8.672   -6.484 1.00 0.00 ? 51 VAL A C   1 
ATOM 130 O O   . VAL A 1 51 ? -0.551  8.296   -6.178 1.00 0.00 ? 51 VAL A O   1 
ATOM 131 C CB  . VAL A 1 51 ? -2.364  9.490   -8.791 1.00 0.00 ? 51 VAL A CB  1 
ATOM 132 H H   . VAL A 1 51 ? -4.534  8.318   -8.110 1.00 0.00 ? 51 VAL A H   1 
ATOM 133 H HA  . VAL A 1 51 ? -1.729  7.486   -8.239 1.00 0.00 ? 51 VAL A HA  1 
ATOM 134 N N   . LEU A 1 52 ? -2.417  9.424   -5.678 1.00 0.00 ? 52 LEU A N   1 
ATOM 135 C CA  . LEU A 1 52 ? -1.931  9.853   -4.371 1.00 0.00 ? 52 LEU A CA  1 
ATOM 136 C C   . LEU A 1 52 ? -1.556  8.665   -3.518 1.00 0.00 ? 52 LEU A C   1 
ATOM 137 O O   . LEU A 1 52 ? -0.497  8.623   -2.882 1.00 0.00 ? 52 LEU A O   1 
ATOM 138 C CB  . LEU A 1 52 ? -3.023  10.726  -3.729 1.00 0.00 ? 52 LEU A CB  1 
ATOM 139 H H   . LEU A 1 52 ? -3.394  9.705   -6.047 1.00 0.00 ? 52 LEU A H   1 
ATOM 140 H HA  . LEU A 1 52 ? -1.014  10.458  -4.513 1.00 0.00 ? 52 LEU A HA  1 
ATOM 141 N N   . TRP A 1 53 ? -2.433  7.679   -3.481 1.00 0.00 ? 53 TRP A N   1 
ATOM 142 C CA  . TRP A 1 53 ? -2.203  6.467   -2.699 1.00 0.00 ? 53 TRP A CA  1 
ATOM 143 C C   . TRP A 1 53 ? -0.790  5.984   -2.912 1.00 0.00 ? 53 TRP A C   1 
ATOM 144 O O   . TRP A 1 53 ? 0.112   6.210   -2.095 1.00 0.00 ? 53 TRP A O   1 
ATOM 145 C CB  . TRP A 1 53 ? -3.166  5.335   -2.291 1.00 0.00 ? 53 TRP A CB  1 
ATOM 146 H H   . TRP A 1 53 ? -3.642  6.732   -4.380 1.00 0.00 ? 53 TRP A H   1 
ATOM 147 H HA  . TRP A 1 53 ? -2.174  7.231   -1.899 1.00 0.00 ? 53 TRP A HA  1 
ATOM 148 N N   . ASP A 1 54 ? -0.574  5.293   -4.016 1.00 0.00 ? 54 ASP A N   1 
ATOM 149 C CA  . ASP A 1 54 ? 0.745   4.764   -4.351 1.00 0.00 ? 54 ASP A CA  1 
ATOM 150 C C   . ASP A 1 54 ? 1.774   5.867   -4.404 1.00 0.00 ? 54 ASP A C   1 
ATOM 151 O O   . ASP A 1 54 ? 2.878   5.761   -3.857 1.00 0.00 ? 54 ASP A O   1 
ATOM 152 C CB  . ASP A 1 54 ? 0.617   4.003   -5.682 1.00 0.00 ? 54 ASP A CB  1 
ATOM 153 H H   . ASP A 1 54 ? -1.430  5.145   -4.656 1.00 0.00 ? 54 ASP A H   1 
ATOM 154 H HA  . ASP A 1 54 ? 1.057   4.063   -3.553 1.00 0.00 ? 54 ASP A HA  1 
ATOM 155 N N   . LEU A 1 55 ? 1.429   6.949   -5.080 1.00 0.00 ? 55 LEU A N   1 
ATOM 156 C CA  . LEU A 1 55 ? 2.324   8.096   -5.215 1.00 0.00 ? 55 LEU A CA  1 
ATOM 157 C C   . LEU A 1 55 ? 2.732   8.625   -3.860 1.00 0.00 ? 55 LEU A C   1 
ATOM 158 O O   . LEU A 1 55 ? 3.906   8.901   -3.592 1.00 0.00 ? 55 LEU A O   1 
ATOM 159 C CB  . LEU A 1 55 ? 1.604   9.146   -6.076 1.00 0.00 ? 55 LEU A CB  1 
ATOM 160 H H   . LEU A 1 55 ? 0.447   6.933   -5.526 1.00 0.00 ? 55 LEU A H   1 
ATOM 161 H HA  . LEU A 1 55 ? 3.246   7.764   -5.731 1.00 0.00 ? 55 LEU A HA  1 
ATOM 162 N N   . GLU A 1 56 ? 1.756   8.791   -2.988 1.00 0.00 ? 56 GLU A N   1 
ATOM 163 C CA  . GLU A 1 56 ? 2.003   9.298   -1.641 1.00 0.00 ? 56 GLU A CA  1 
ATOM 164 C C   . GLU A 1 56 ? 3.002   8.432   -0.914 1.00 0.00 ? 56 GLU A C   1 
ATOM 165 O O   . GLU A 1 56 ? 3.950   8.914   -0.280 1.00 0.00 ? 56 GLU A O   1 
ATOM 166 C CB  . GLU A 1 56 ? 0.649   9.380   -0.919 1.00 0.00 ? 56 GLU A CB  1 
ATOM 167 H H   . GLU A 1 56 ? 0.765   8.531   -3.329 1.00 0.00 ? 56 GLU A H   1 
ATOM 168 H HA  . GLU A 1 56 ? 2.441   10.312  -1.719 1.00 0.00 ? 56 GLU A HA  1 
ATOM 169 N N   . GLN A 1 57 ? 2.798   7.131   -0.979 1.00 0.00 ? 57 GLN A N   1 
ATOM 170 C CA  . GLN A 1 57 ? 3.684   6.173   -0.322 1.00 0.00 ? 57 GLN A CA  1 
ATOM 171 C C   . GLN A 1 57 ? 5.107   6.340   -0.795 1.00 0.00 ? 57 GLN A C   1 
ATOM 172 O O   . GLN A 1 57 ? 6.059   6.375   -0.006 1.00 0.00 ? 57 GLN A O   1 
ATOM 173 C CB  . GLN A 1 57 ? 3.129   4.764   -0.594 1.00 0.00 ? 57 GLN A CB  1 
ATOM 174 H H   . GLN A 1 57 ? 1.936   6.815   -1.548 1.00 0.00 ? 57 GLN A H   1 
ATOM 175 H HA  . GLN A 1 57 ? 3.673   6.369   0.765  1.00 0.00 ? 57 GLN A HA  1 
ATOM 176 N N   . LEU A 1 58 ? 5.278   6.439   -2.100 1.00 0.00 ? 58 LEU A N   1 
ATOM 177 C CA  . LEU A 1 58 ? 6.600   6.605   -2.699 1.00 0.00 ? 58 LEU A CA  1 
ATOM 178 C C   . LEU A 1 58 ? 7.292   7.829   -2.148 1.00 0.00 ? 58 LEU A C   1 
ATOM 179 O O   . LEU A 1 58 ? 8.469   7.804   -1.773 1.00 0.00 ? 58 LEU A O   1 
ATOM 180 C CB  . LEU A 1 58 ? 6.415   6.661   -4.224 1.00 0.00 ? 58 LEU A CB  1 
ATOM 181 H H   . LEU A 1 58 ? 4.380   6.388   -2.698 1.00 0.00 ? 58 LEU A H   1 
ATOM 182 H HA  . LEU A 1 58 ? 7.220   5.730   -2.432 1.00 0.00 ? 58 LEU A HA  1 
ATOM 183 N N   . ASN A 1 76 ? 4.594   1.043   -4.668 1.00 0.00 ? 76 ASN A N   1 
ATOM 184 C CA  . ASN A 1 76 ? 5.557   -0.055  -4.640 1.00 0.00 ? 76 ASN A CA  1 
ATOM 185 C C   . ASN A 1 76 ? 5.160   -1.099  -3.625 1.00 0.00 ? 76 ASN A C   1 
ATOM 186 O O   . ASN A 1 76 ? 5.171   -2.307  -3.887 1.00 0.00 ? 76 ASN A O   1 
ATOM 187 C CB  . ASN A 1 76 ? 6.945   0.550   -4.365 1.00 0.00 ? 76 ASN A CB  1 
ATOM 188 H H   . ASN A 1 76 ? 4.888   2.066   -4.498 1.00 0.00 ? 76 ASN A H   1 
ATOM 189 H HA  . ASN A 1 76 ? 5.560   -0.547  -5.633 1.00 0.00 ? 76 ASN A HA  1 
ATOM 190 N N   . ILE A 1 77 ? 4.813   -0.646  -2.434 1.00 0.00 ? 77 ILE A N   1 
ATOM 191 C CA  . ILE A 1 77 ? 4.405   -1.539  -1.353 1.00 0.00 ? 77 ILE A CA  1 
ATOM 192 C C   . ILE A 1 77 ? 3.234   -2.396  -1.775 1.00 0.00 ? 77 ILE A C   1 
ATOM 193 O O   . ILE A 1 77 ? 3.206   -3.614  -1.562 1.00 0.00 ? 77 ILE A O   1 
ATOM 194 C CB  . ILE A 1 77 ? 4.097   -0.670  -0.122 1.00 0.00 ? 77 ILE A CB  1 
ATOM 195 H H   . ILE A 1 77 ? 4.847   0.428   -2.308 1.00 0.00 ? 77 ILE A H   1 
ATOM 196 H HA  . ILE A 1 77 ? 5.246   -2.220  -1.124 1.00 0.00 ? 77 ILE A HA  1 
ATOM 197 N N   . GLY A 1 78 ? 2.239   -1.765  -2.367 1.00 0.00 ? 78 GLY A N   1 
ATOM 198 C CA  . GLY A 1 78 ? 1.045   -2.466  -2.824 1.00 0.00 ? 78 GLY A CA  1 
ATOM 199 C C   . GLY A 1 78 ? 1.401   -3.573  -3.788 1.00 0.00 ? 78 GLY A C   1 
ATOM 200 O O   . GLY A 1 78 ? 0.917   -4.708  -3.692 1.00 0.00 ? 78 GLY A O   1 
ATOM 201 H H   . GLY A 1 78 ? 2.362   -0.700  -2.494 1.00 0.00 ? 78 GLY A H   1 
ATOM 202 H HA2 . GLY A 1 78 ? 0.553   -2.938  -1.952 1.00 0.00 ? 78 GLY A HA2 1 
ATOM 203 H HA3 . GLY A 1 78 ? 0.098   -1.420  -3.442 1.00 0.00 ? 78 GLY A HA3 1 
ATOM 204 N N   . ASP A 1 79 ? 2.251   -3.252  -4.748 1.00 0.00 ? 79 ASP A N   1 
ATOM 205 C CA  . ASP A 1 79 ? 2.685   -4.220  -5.750 1.00 0.00 ? 79 ASP A CA  1 
ATOM 206 C C   . ASP A 1 79 ? 3.311   -5.431  -5.098 1.00 0.00 ? 79 ASP A C   1 
ATOM 207 O O   . ASP A 1 79 ? 3.017   -6.584  -5.439 1.00 0.00 ? 79 ASP A O   1 
ATOM 208 C CB  . ASP A 1 79 ? 3.645   -3.498  -6.709 1.00 0.00 ? 79 ASP A CB  1 
ATOM 209 H H   . ASP A 1 79 ? 2.605   -2.231  -4.745 1.00 0.00 ? 79 ASP A H   1 
ATOM 210 H HA  . ASP A 1 79 ? 1.798   -4.572  -6.311 1.00 0.00 ? 79 ASP A HA  1 
ATOM 211 N N   . VAL A 1 80 ? 4.198   -5.187  -4.152 1.00 0.00 ? 80 VAL A N   1 
ATOM 212 C CA  . VAL A 1 80 ? 4.883   -6.258  -3.437 1.00 0.00 ? 80 VAL A CA  1 
ATOM 213 C C   . VAL A 1 80 ? 6.058   -6.891  -2.732 1.00 0.00 ? 80 VAL A C   1 
ATOM 214 O O   . VAL A 1 80 ? 6.054   -8.077  -2.385 1.00 0.00 ? 80 VAL A O   1 
ATOM 215 C CB  . VAL A 1 80 ? 5.138   -6.033  -4.937 1.00 0.00 ? 80 VAL A CB  1 
ATOM 216 H H   . VAL A 1 80 ? 4.529   -4.055  -3.431 1.00 0.00 ? 80 VAL A H   1 
ATOM 217 H HA  . VAL A 1 80 ? 4.019   -6.935  -3.308 1.00 0.00 ? 80 VAL A HA  1 
ATOM 218 N N   . VAL A 1 81 ? 7.097   -6.103  -2.519 1.00 0.00 ? 81 VAL A N   1 
ATOM 219 C CA  . VAL A 1 81 ? 8.302   -6.580  -1.847 1.00 0.00 ? 81 VAL A CA  1 
ATOM 220 C C   . VAL A 1 81 ? 7.979   -7.133  -0.480 1.00 0.00 ? 81 VAL A C   1 
ATOM 221 O O   . VAL A 1 81 ? 8.436   -8.214  -0.084 1.00 0.00 ? 81 VAL A O   1 
ATOM 222 C CB  . VAL A 1 81 ? 9.298   -5.407  -1.795 1.00 0.00 ? 81 VAL A CB  1 
ATOM 223 H H   . VAL A 1 81 ? 6.999   -5.087  -2.869 1.00 0.00 ? 81 VAL A H   1 
ATOM 224 H HA  . VAL A 1 81 ? 8.737   -7.404  -2.442 1.00 0.00 ? 81 VAL A HA  1 
ATOM 225 N N   . GLU A 1 82 ? 7.188   -6.391  0.274  1.00 0.00 ? 82 GLU A N   1 
ATOM 226 C CA  . GLU A 1 82 ? 6.791   -6.801  1.617  1.00 0.00 ? 82 GLU A CA  1 
ATOM 227 C C   . GLU A 1 82 ? 6.975   -8.300  1.624  1.00 0.00 ? 82 GLU A C   1 
ATOM 228 O O   . GLU A 1 82 ? 7.147   -8.933  2.673  1.00 0.00 ? 82 GLU A O   1 
ATOM 229 C CB  . GLU A 1 82 ? 5.334   -6.381  1.358  1.00 0.00 ? 82 GLU A CB  1 
ATOM 230 H H   . GLU A 1 82 ? 7.200   -5.559  -0.188 1.00 0.00 ? 82 GLU A H   1 
ATOM 231 H HA  . GLU A 1 82 ? 7.112   -6.427  2.606  1.00 0.00 ? 82 GLU A HA  1 
ATOM 232 N N   . ALA A 1 83 ? 6.930   -8.895  0.447  1.00 0.00 ? 83 ALA A N   1 
ATOM 233 C CA  . ALA A 1 83 ? 7.090   -10.339 0.303  1.00 0.00 ? 83 ALA A CA  1 
ATOM 234 C C   . ALA A 1 83 ? 8.403   -10.799 0.891  1.00 0.00 ? 83 ALA A C   1 
ATOM 235 O O   . ALA A 1 83 ? 8.480   -11.784 1.634  1.00 0.00 ? 83 ALA A O   1 
ATOM 236 C CB  . ALA A 1 83 ? 6.958   -10.675 -1.193 1.00 0.00 ? 83 ALA A CB  1 
ATOM 237 H H   . ALA A 1 83 ? 6.764   -8.250  -0.403 1.00 0.00 ? 83 ALA A H   1 
ATOM 238 H HA  . ALA A 1 83 ? 6.283   -10.843 0.867  1.00 0.00 ? 83 ALA A HA  1 
ATOM 239 N N   . VAL A 1 84 ? 9.468   -10.092 0.557  1.00 0.00 ? 84 VAL A N   1 
ATOM 240 C CA  . VAL A 1 84 ? 10.801  -10.418 1.051  1.00 0.00 ? 84 VAL A CA  1 
ATOM 241 C C   . VAL A 1 84 ? 10.831  -10.430 2.560  1.00 0.00 ? 84 VAL A C   1 
ATOM 242 O O   . VAL A 1 84 ? 11.366  -11.343 3.199  1.00 0.00 ? 84 VAL A O   1 
ATOM 243 C CB  . VAL A 1 84 ? 11.784  -9.406  0.441  1.00 0.00 ? 84 VAL A CB  1 
ATOM 244 H H   . VAL A 1 84 ? 9.290   -9.256  -0.104 1.00 0.00 ? 84 VAL A H   1 
ATOM 245 H HA  . VAL A 1 84 ? 11.063  -11.439 0.711  1.00 0.00 ? 84 VAL A HA  1 
ATOM 246 N N   . ARG A 1 85 ? 10.263  -9.398  3.158  1.00 0.00 ? 85 ARG A N   1 
ATOM 247 C CA  . ARG A 1 85 ? 10.219  -9.275  4.612  1.00 0.00 ? 85 ARG A CA  1 
ATOM 248 C C   . ARG A 1 85 ? 9.545   -10.473 5.235  1.00 0.00 ? 85 ARG A C   1 
ATOM 249 O O   . ARG A 1 85 ? 10.023  -11.058 6.214  1.00 0.00 ? 85 ARG A O   1 
ATOM 250 C CB  . ARG A 1 85 ? 9.509   -7.951  4.945  1.00 0.00 ? 85 ARG A CB  1 
ATOM 251 H H   . ARG A 1 85 ? 9.834   -8.651  2.507  1.00 0.00 ? 85 ARG A H   1 
ATOM 252 H HA  . ARG A 1 85 ? 11.257  -9.244  4.998  1.00 0.00 ? 85 ARG A HA  1 
ATOM 253 N N   . GLY A 1 86 ? 8.409   -10.851 4.682  1.00 0.00 ? 86 GLY A N   1 
ATOM 254 C CA  . GLY A 1 86 ? 7.646   -11.993 5.181  1.00 0.00 ? 86 GLY A CA  1 
ATOM 255 C C   . GLY A 1 86 ? 8.487   -13.247 5.176  1.00 0.00 ? 86 GLY A C   1 
ATOM 256 O O   . GLY A 1 86 ? 8.526   -14.013 6.146  1.00 0.00 ? 86 GLY A O   1 
ATOM 257 H H   . GLY A 1 86 ? 8.073   -10.266 3.838  1.00 0.00 ? 86 GLY A H   1 
ATOM 258 H HA2 . GLY A 1 86 ? 7.358   -11.794 6.229  1.00 0.00 ? 86 GLY A HA2 1 
ATOM 259 H HA3 . GLY A 1 86 ? 6.380   -12.122 4.314  1.00 0.00 ? 86 GLY A HA3 1 
# 
